data_4NCU
# 
_entry.id   4NCU 
# 
_audit_conform.dict_name       mmcif_pdbx.dic 
_audit_conform.dict_version    5.379 
_audit_conform.dict_location   http://mmcif.pdb.org/dictionaries/ascii/mmcif_pdbx.dic 
# 
loop_
_database_2.database_id 
_database_2.database_code 
_database_2.pdbx_database_accession 
_database_2.pdbx_DOI 
PDB   4NCU         pdb_00004ncu 10.2210/pdb4ncu/pdb 
RCSB  RCSB083041   ?            ?                   
WWPDB D_1000083041 ?            ?                   
# 
loop_
_pdbx_database_related.db_name 
_pdbx_database_related.db_id 
_pdbx_database_related.details 
_pdbx_database_related.content_type 
PDB 1RFO 'Trimeric Foldon of the T4 phagehead fibritin (NMR structure)' unspecified 
PDB 4NCV .                                                              unspecified 
PDB 4NCW .                                                              unspecified 
# 
_pdbx_database_status.status_code                     REL 
_pdbx_database_status.entry_id                        4NCU 
_pdbx_database_status.recvd_initial_deposition_date   2013-10-25 
_pdbx_database_status.deposit_site                    RCSB 
_pdbx_database_status.process_site                    RCSB 
_pdbx_database_status.status_code_sf                  REL 
_pdbx_database_status.status_code_mr                  ? 
_pdbx_database_status.SG_entry                        ? 
_pdbx_database_status.status_code_cs                  ? 
_pdbx_database_status.methods_development_category    ? 
_pdbx_database_status.pdb_format_compatible           Y 
_pdbx_database_status.status_code_nmr_data            ? 
# 
loop_
_audit_author.name 
_audit_author.pdbx_ordinal 
'Graewert, M.A.' 1 
'Reiner, A.'     2 
'Groll, M.'      3 
'Kiefhaber, T.'  4 
# 
_citation.id                        primary 
_citation.title                     
'Versatile C(3)-symmetric scaffolds and their use for covalent stabilization of the foldon trimer.' 
_citation.journal_abbrev            Org.Biomol.Chem. 
_citation.journal_volume            12 
_citation.page_first                2606 
_citation.page_last                 2614 
_citation.year                      2014 
_citation.journal_id_ASTM           ? 
_citation.country                   UK 
_citation.journal_id_ISSN           1477-0539 
_citation.journal_id_CSD            ? 
_citation.book_publisher            ? 
_citation.pdbx_database_id_PubMed   24637609 
_citation.pdbx_database_id_DOI      10.1039/c3ob42251h 
# 
loop_
_citation_author.citation_id 
_citation_author.name 
_citation_author.ordinal 
_citation_author.identifier_ORCID 
primary 'Berthelmann, A.' 1 ? 
primary 'Lach, J.'        2 ? 
primary 'Grawert, M.A.'   3 ? 
primary 'Groll, M.'       4 ? 
primary 'Eichler, J.'     5 ? 
# 
_cell.entry_id           4NCU 
_cell.length_a           27.839 
_cell.length_b           27.839 
_cell.length_c           63.527 
_cell.angle_alpha        90.00 
_cell.angle_beta         90.00 
_cell.angle_gamma        120.00 
_cell.Z_PDB              6 
_cell.pdbx_unique_axis   ? 
_cell.length_a_esd       ? 
_cell.length_b_esd       ? 
_cell.length_c_esd       ? 
_cell.angle_alpha_esd    ? 
_cell.angle_beta_esd     ? 
_cell.angle_gamma_esd    ? 
# 
_symmetry.entry_id                         4NCU 
_symmetry.space_group_name_H-M             'P 63' 
_symmetry.pdbx_full_space_group_name_H-M   ? 
_symmetry.cell_setting                     ? 
_symmetry.Int_Tables_number                173 
_symmetry.space_group_name_Hall            ? 
# 
loop_
_entity.id 
_entity.type 
_entity.src_method 
_entity.pdbx_description 
_entity.formula_weight 
_entity.pdbx_number_of_molecules 
_entity.pdbx_ec 
_entity.pdbx_mutation 
_entity.pdbx_fragment 
_entity.details 
1 polymer syn Fibritin 3084.461 1  ? ? 'C-terminus fragment (UNP residues 458-484)' ? 
2 water   nat water    18.015   69 ? ? ?                                            ? 
# 
_entity_poly.entity_id                      1 
_entity_poly.type                           'polypeptide(L)' 
_entity_poly.nstd_linkage                   no 
_entity_poly.nstd_monomer                   no 
_entity_poly.pdbx_seq_one_letter_code       GYIPEAPRDGQAYVRKDGEWVLLSTFL 
_entity_poly.pdbx_seq_one_letter_code_can   GYIPEAPRDGQAYVRKDGEWVLLSTFL 
_entity_poly.pdbx_strand_id                 A 
_entity_poly.pdbx_target_identifier         ? 
# 
loop_
_entity_poly_seq.entity_id 
_entity_poly_seq.num 
_entity_poly_seq.mon_id 
_entity_poly_seq.hetero 
1 1  GLY n 
1 2  TYR n 
1 3  ILE n 
1 4  PRO n 
1 5  GLU n 
1 6  ALA n 
1 7  PRO n 
1 8  ARG n 
1 9  ASP n 
1 10 GLY n 
1 11 GLN n 
1 12 ALA n 
1 13 TYR n 
1 14 VAL n 
1 15 ARG n 
1 16 LYS n 
1 17 ASP n 
1 18 GLY n 
1 19 GLU n 
1 20 TRP n 
1 21 VAL n 
1 22 LEU n 
1 23 LEU n 
1 24 SER n 
1 25 THR n 
1 26 PHE n 
1 27 LEU n 
# 
_pdbx_entity_src_syn.entity_id              1 
_pdbx_entity_src_syn.pdbx_src_id            1 
_pdbx_entity_src_syn.pdbx_alt_source_flag   sample 
_pdbx_entity_src_syn.pdbx_beg_seq_num       ? 
_pdbx_entity_src_syn.pdbx_end_seq_num       ? 
_pdbx_entity_src_syn.organism_scientific    'Enterobacteria phage T4' 
_pdbx_entity_src_syn.organism_common_name   ? 
_pdbx_entity_src_syn.ncbi_taxonomy_id       10665 
_pdbx_entity_src_syn.details                'This sequence occurs naturally in bacteriophage T4 fibritin at its C-terminus' 
# 
_struct_ref.id                         1 
_struct_ref.db_name                    UNP 
_struct_ref.db_code                    D9IEJ2_BPT4 
_struct_ref.pdbx_db_accession          D9IEJ2 
_struct_ref.entity_id                  1 
_struct_ref.pdbx_seq_one_letter_code   GYIPEAPRDGQAYVRKDGEWVLLSTFL 
_struct_ref.pdbx_align_begin           458 
_struct_ref.pdbx_db_isoform            ? 
# 
_struct_ref_seq.align_id                      1 
_struct_ref_seq.ref_id                        1 
_struct_ref_seq.pdbx_PDB_id_code              4NCU 
_struct_ref_seq.pdbx_strand_id                A 
_struct_ref_seq.seq_align_beg                 1 
_struct_ref_seq.pdbx_seq_align_beg_ins_code   ? 
_struct_ref_seq.seq_align_end                 27 
_struct_ref_seq.pdbx_seq_align_end_ins_code   ? 
_struct_ref_seq.pdbx_db_accession             D9IEJ2 
_struct_ref_seq.db_align_beg                  458 
_struct_ref_seq.pdbx_db_align_beg_ins_code    ? 
_struct_ref_seq.db_align_end                  484 
_struct_ref_seq.pdbx_db_align_end_ins_code    ? 
_struct_ref_seq.pdbx_auth_seq_align_beg       1 
_struct_ref_seq.pdbx_auth_seq_align_end       27 
# 
loop_
_chem_comp.id 
_chem_comp.type 
_chem_comp.mon_nstd_flag 
_chem_comp.name 
_chem_comp.pdbx_synonyms 
_chem_comp.formula 
_chem_comp.formula_weight 
ALA 'L-peptide linking' y ALANINE         ? 'C3 H7 N O2'     89.093  
ARG 'L-peptide linking' y ARGININE        ? 'C6 H15 N4 O2 1' 175.209 
ASP 'L-peptide linking' y 'ASPARTIC ACID' ? 'C4 H7 N O4'     133.103 
GLN 'L-peptide linking' y GLUTAMINE       ? 'C5 H10 N2 O3'   146.144 
GLU 'L-peptide linking' y 'GLUTAMIC ACID' ? 'C5 H9 N O4'     147.129 
GLY 'peptide linking'   y GLYCINE         ? 'C2 H5 N O2'     75.067  
HOH non-polymer         . WATER           ? 'H2 O'           18.015  
ILE 'L-peptide linking' y ISOLEUCINE      ? 'C6 H13 N O2'    131.173 
LEU 'L-peptide linking' y LEUCINE         ? 'C6 H13 N O2'    131.173 
LYS 'L-peptide linking' y LYSINE          ? 'C6 H15 N2 O2 1' 147.195 
PHE 'L-peptide linking' y PHENYLALANINE   ? 'C9 H11 N O2'    165.189 
PRO 'L-peptide linking' y PROLINE         ? 'C5 H9 N O2'     115.130 
SER 'L-peptide linking' y SERINE          ? 'C3 H7 N O3'     105.093 
THR 'L-peptide linking' y THREONINE       ? 'C4 H9 N O3'     119.119 
TRP 'L-peptide linking' y TRYPTOPHAN      ? 'C11 H12 N2 O2'  204.225 
TYR 'L-peptide linking' y TYROSINE        ? 'C9 H11 N O3'    181.189 
VAL 'L-peptide linking' y VALINE          ? 'C5 H11 N O2'    117.146 
# 
_exptl.entry_id          4NCU 
_exptl.method            'X-RAY DIFFRACTION' 
_exptl.crystals_number   1 
# 
_exptl_crystal.id                    1 
_exptl_crystal.density_meas          ? 
_exptl_crystal.density_Matthews      2.30 
_exptl_crystal.density_percent_sol   46.61 
_exptl_crystal.description           ? 
_exptl_crystal.F_000                 ? 
_exptl_crystal.preparation           ? 
# 
_exptl_crystal_grow.crystal_id      1 
_exptl_crystal_grow.method          'VAPOR DIFFUSION, HANGING DROP' 
_exptl_crystal_grow.temp            293 
_exptl_crystal_grow.temp_details    ? 
_exptl_crystal_grow.pH              7.5 
_exptl_crystal_grow.pdbx_details    '25% PEG 200, pH 7.5, VAPOR DIFFUSION, HANGING DROP, temperature 293K' 
_exptl_crystal_grow.pdbx_pH_range   ? 
# 
_diffrn.id                     1 
_diffrn.ambient_temp           100 
_diffrn.ambient_temp_details   ? 
_diffrn.crystal_id             1 
# 
_diffrn_detector.diffrn_id              1 
_diffrn_detector.detector               CCD 
_diffrn_detector.type                   'Bruker Platinum 135' 
_diffrn_detector.pdbx_collection_date   2011-01-28 
_diffrn_detector.details                ? 
# 
_diffrn_radiation.diffrn_id                        1 
_diffrn_radiation.wavelength_id                    1 
_diffrn_radiation.pdbx_monochromatic_or_laue_m_l   M 
_diffrn_radiation.monochromator                    'LN2 cooled fixed-exit. Si(111) monochromator' 
_diffrn_radiation.pdbx_diffrn_protocol             'SINGLE WAVELENGTH' 
_diffrn_radiation.pdbx_scattering_type             x-ray 
# 
_diffrn_radiation_wavelength.id           1 
_diffrn_radiation_wavelength.wavelength   1.5418 
_diffrn_radiation_wavelength.wt           1.0 
# 
_diffrn_source.diffrn_id                   1 
_diffrn_source.source                      'ROTATING ANODE' 
_diffrn_source.type                        'BRUKER AXS MICROSTAR' 
_diffrn_source.pdbx_synchrotron_site       ? 
_diffrn_source.pdbx_synchrotron_beamline   ? 
_diffrn_source.pdbx_wavelength             ? 
_diffrn_source.pdbx_wavelength_list        1.5418 
# 
_reflns.entry_id                     4NCU 
_reflns.observed_criterion_sigma_I   2.0 
_reflns.observed_criterion_sigma_F   2.0 
_reflns.d_resolution_low             30 
_reflns.d_resolution_high            1.1 
_reflns.number_obs                   11279 
_reflns.number_all                   11404 
_reflns.percent_possible_obs         98.9 
_reflns.pdbx_Rmerge_I_obs            0.032 
_reflns.pdbx_Rsym_value              ? 
_reflns.pdbx_netI_over_sigmaI        20.4 
_reflns.B_iso_Wilson_estimate        ? 
_reflns.pdbx_redundancy              11.35 
_reflns.R_free_details               ? 
_reflns.limit_h_max                  ? 
_reflns.limit_h_min                  ? 
_reflns.limit_k_max                  ? 
_reflns.limit_k_min                  ? 
_reflns.limit_l_max                  ? 
_reflns.limit_l_min                  ? 
_reflns.observed_criterion_F_max     ? 
_reflns.observed_criterion_F_min     ? 
_reflns.pdbx_chi_squared             ? 
_reflns.pdbx_scaling_rejects         ? 
_reflns.pdbx_ordinal                 1 
_reflns.pdbx_diffrn_id               1 
# 
_reflns_shell.d_res_high             1.1 
_reflns_shell.d_res_low              1.2 
_reflns_shell.percent_possible_all   97.8 
_reflns_shell.Rmerge_I_obs           0.132 
_reflns_shell.pdbx_Rsym_value        ? 
_reflns_shell.meanI_over_sigI_obs    7.8 
_reflns_shell.pdbx_redundancy        ? 
_reflns_shell.percent_possible_obs   ? 
_reflns_shell.number_unique_all      ? 
_reflns_shell.number_measured_all    ? 
_reflns_shell.number_measured_obs    ? 
_reflns_shell.number_unique_obs      ? 
_reflns_shell.pdbx_chi_squared       ? 
_reflns_shell.pdbx_ordinal           1 
_reflns_shell.pdbx_diffrn_id         1 
# 
_refine.entry_id                                 4NCU 
_refine.ls_number_reflns_obs                     10461 
_refine.ls_number_reflns_all                     10986 
_refine.pdbx_ls_sigma_I                          2.0 
_refine.pdbx_ls_sigma_F                          ? 
_refine.pdbx_data_cutoff_high_absF               ? 
_refine.pdbx_data_cutoff_low_absF                ? 
_refine.pdbx_data_cutoff_high_rms_absF           ? 
_refine.ls_d_res_low                             15.00 
_refine.ls_d_res_high                            1.11 
_refine.ls_percent_reflns_obs                    99.47 
_refine.ls_R_factor_obs                          0.12229 
_refine.ls_R_factor_all                          ? 
_refine.ls_R_factor_R_work                       0.12133 
_refine.ls_R_factor_R_free                       0.14100 
_refine.ls_R_factor_R_free_error                 ? 
_refine.ls_R_factor_R_free_error_details         ? 
_refine.ls_percent_reflns_R_free                 4.8 
_refine.ls_number_reflns_R_free                  525 
_refine.ls_number_parameters                     ? 
_refine.ls_number_restraints                     ? 
_refine.occupancy_min                            ? 
_refine.occupancy_max                            ? 
_refine.correlation_coeff_Fo_to_Fc               0.980 
_refine.correlation_coeff_Fo_to_Fc_free          0.970 
_refine.B_iso_mean                               10.026 
_refine.aniso_B[1][1]                            -0.19 
_refine.aniso_B[2][2]                            -0.19 
_refine.aniso_B[3][3]                            0.61 
_refine.aniso_B[1][2]                            -0.19 
_refine.aniso_B[1][3]                            -0.00 
_refine.aniso_B[2][3]                            -0.00 
_refine.solvent_model_details                    MASK 
_refine.solvent_model_param_ksol                 ? 
_refine.solvent_model_param_bsol                 ? 
_refine.pdbx_solvent_vdw_probe_radii             1.20 
_refine.pdbx_solvent_ion_probe_radii             0.80 
_refine.pdbx_solvent_shrinkage_radii             0.80 
_refine.pdbx_ls_cross_valid_method               THROUGHOUT 
_refine.details                                  'HYDROGENS HAVE BEEN ADDED IN THE RIDING POSITIONS' 
_refine.pdbx_starting_model                      1RFO 
_refine.pdbx_method_to_determine_struct          'MOLECULAR REPLACEMENT' 
_refine.pdbx_isotropic_thermal_model             ? 
_refine.pdbx_stereochemistry_target_values       'MAXIMUM LIKELIHOOD' 
_refine.pdbx_stereochem_target_val_spec_case     ? 
_refine.pdbx_R_Free_selection_details            RANDOM 
_refine.pdbx_overall_ESU_R                       0.026 
_refine.pdbx_overall_ESU_R_Free                  0.026 
_refine.overall_SU_ML                            0.016 
_refine.pdbx_overall_phase_error                 ? 
_refine.overall_SU_B                             0.690 
_refine.overall_SU_R_Cruickshank_DPI             ? 
_refine.ls_redundancy_reflns_obs                 ? 
_refine.B_iso_min                                ? 
_refine.B_iso_max                                ? 
_refine.overall_SU_R_free                        ? 
_refine.ls_wR_factor_R_free                      ? 
_refine.ls_wR_factor_R_work                      ? 
_refine.overall_FOM_free_R_set                   ? 
_refine.overall_FOM_work_R_set                   ? 
_refine.pdbx_diffrn_id                           1 
_refine.pdbx_refine_id                           'X-RAY DIFFRACTION' 
_refine.pdbx_TLS_residual_ADP_flag               ? 
_refine.pdbx_overall_SU_R_free_Cruickshank_DPI   ? 
_refine.pdbx_overall_SU_R_Blow_DPI               ? 
_refine.pdbx_overall_SU_R_free_Blow_DPI          ? 
# 
_refine_hist.pdbx_refine_id                   'X-RAY DIFFRACTION' 
_refine_hist.cycle_id                         LAST 
_refine_hist.pdbx_number_atoms_protein        219 
_refine_hist.pdbx_number_atoms_nucleic_acid   0 
_refine_hist.pdbx_number_atoms_ligand         0 
_refine_hist.number_atoms_solvent             69 
_refine_hist.number_atoms_total               288 
_refine_hist.d_res_high                       1.11 
_refine_hist.d_res_low                        15.00 
# 
loop_
_refine_ls_restr.type 
_refine_ls_restr.dev_ideal 
_refine_ls_restr.dev_ideal_target 
_refine_ls_restr.weight 
_refine_ls_restr.number 
_refine_ls_restr.pdbx_restraint_function 
_refine_ls_restr.pdbx_refine_id 
r_bond_refined_d       0.005  0.020  ? 225 ? 'X-RAY DIFFRACTION' 
r_bond_other_d         0.007  0.020  ? 209 ? 'X-RAY DIFFRACTION' 
r_angle_refined_deg    1.151  1.982  ? 306 ? 'X-RAY DIFFRACTION' 
r_angle_other_deg      0.635  3.000  ? 480 ? 'X-RAY DIFFRACTION' 
r_dihedral_angle_1_deg 6.040  5.000  ? 26  ? 'X-RAY DIFFRACTION' 
r_dihedral_angle_2_deg 34.542 22.727 ? 11  ? 'X-RAY DIFFRACTION' 
r_dihedral_angle_3_deg 9.196  15.000 ? 34  ? 'X-RAY DIFFRACTION' 
r_dihedral_angle_4_deg 12.787 15.000 ? 2   ? 'X-RAY DIFFRACTION' 
r_chiral_restr         0.060  0.200  ? 31  ? 'X-RAY DIFFRACTION' 
r_gen_planes_refined   0.005  0.021  ? 253 ? 'X-RAY DIFFRACTION' 
r_gen_planes_other     0.001  0.020  ? 53  ? 'X-RAY DIFFRACTION' 
r_rigid_bond_restr     5.145  3.000  ? 434 ? 'X-RAY DIFFRACTION' 
r_sphericity_free      31.534 5.000  ? 14  ? 'X-RAY DIFFRACTION' 
r_sphericity_bonded    6.787  5.000  ? 484 ? 'X-RAY DIFFRACTION' 
# 
_refine_ls_shell.pdbx_total_number_of_bins_used   20 
_refine_ls_shell.d_res_high                       1.110 
_refine_ls_shell.d_res_low                        1.139 
_refine_ls_shell.number_reflns_R_work             756 
_refine_ls_shell.R_factor_R_work                  0.126 
_refine_ls_shell.percent_reflns_obs               99.25 
_refine_ls_shell.R_factor_R_free                  0.157 
_refine_ls_shell.R_factor_R_free_error            ? 
_refine_ls_shell.percent_reflns_R_free            ? 
_refine_ls_shell.number_reflns_R_free             40 
_refine_ls_shell.number_reflns_all                ? 
_refine_ls_shell.R_factor_all                     ? 
_refine_ls_shell.number_reflns_obs                ? 
_refine_ls_shell.redundancy_reflns_obs            ? 
_refine_ls_shell.pdbx_refine_id                   'X-RAY DIFFRACTION' 
# 
_struct.entry_id                  4NCU 
_struct.title                     'Foldon domain wild type' 
_struct.pdbx_model_details        ? 
_struct.pdbx_CASP_flag            ? 
_struct.pdbx_model_type_details   ? 
# 
_struct_keywords.entry_id        4NCU 
_struct_keywords.pdbx_keywords   'VIRAL PROTEIN' 
_struct_keywords.text            'trimeric scaffold, VIRAL PROTEIN' 
# 
loop_
_struct_asym.id 
_struct_asym.pdbx_blank_PDB_chainid_flag 
_struct_asym.pdbx_modified 
_struct_asym.entity_id 
_struct_asym.details 
A N N 1 ? 
B N N 2 ? 
# 
_struct_biol.id        1 
_struct_biol.details   ? 
# 
_struct_conf.conf_type_id            HELX_P 
_struct_conf.id                      HELX_P1 
_struct_conf.pdbx_PDB_helix_id       1 
_struct_conf.beg_label_comp_id       SER 
_struct_conf.beg_label_asym_id       A 
_struct_conf.beg_label_seq_id        24 
_struct_conf.pdbx_beg_PDB_ins_code   ? 
_struct_conf.end_label_comp_id       LEU 
_struct_conf.end_label_asym_id       A 
_struct_conf.end_label_seq_id        27 
_struct_conf.pdbx_end_PDB_ins_code   ? 
_struct_conf.beg_auth_comp_id        SER 
_struct_conf.beg_auth_asym_id        A 
_struct_conf.beg_auth_seq_id         24 
_struct_conf.end_auth_comp_id        LEU 
_struct_conf.end_auth_asym_id        A 
_struct_conf.end_auth_seq_id         27 
_struct_conf.pdbx_PDB_helix_class    5 
_struct_conf.details                 ? 
_struct_conf.pdbx_PDB_helix_length   4 
# 
_struct_conf_type.id          HELX_P 
_struct_conf_type.criteria    ? 
_struct_conf_type.reference   ? 
# 
_struct_sheet.id               A 
_struct_sheet.type             ? 
_struct_sheet.number_strands   2 
_struct_sheet.details          ? 
# 
_struct_sheet_order.sheet_id     A 
_struct_sheet_order.range_id_1   1 
_struct_sheet_order.range_id_2   2 
_struct_sheet_order.offset       ? 
_struct_sheet_order.sense        anti-parallel 
# 
loop_
_struct_sheet_range.sheet_id 
_struct_sheet_range.id 
_struct_sheet_range.beg_label_comp_id 
_struct_sheet_range.beg_label_asym_id 
_struct_sheet_range.beg_label_seq_id 
_struct_sheet_range.pdbx_beg_PDB_ins_code 
_struct_sheet_range.end_label_comp_id 
_struct_sheet_range.end_label_asym_id 
_struct_sheet_range.end_label_seq_id 
_struct_sheet_range.pdbx_end_PDB_ins_code 
_struct_sheet_range.beg_auth_comp_id 
_struct_sheet_range.beg_auth_asym_id 
_struct_sheet_range.beg_auth_seq_id 
_struct_sheet_range.end_auth_comp_id 
_struct_sheet_range.end_auth_asym_id 
_struct_sheet_range.end_auth_seq_id 
A 1 TYR A 13 ? LYS A 16 ? TYR A 13 LYS A 16 
A 2 GLU A 19 ? LEU A 22 ? GLU A 19 LEU A 22 
# 
_pdbx_struct_sheet_hbond.sheet_id                A 
_pdbx_struct_sheet_hbond.range_id_1              1 
_pdbx_struct_sheet_hbond.range_id_2              2 
_pdbx_struct_sheet_hbond.range_1_label_atom_id   N 
_pdbx_struct_sheet_hbond.range_1_label_comp_id   VAL 
_pdbx_struct_sheet_hbond.range_1_label_asym_id   A 
_pdbx_struct_sheet_hbond.range_1_label_seq_id    14 
_pdbx_struct_sheet_hbond.range_1_PDB_ins_code    ? 
_pdbx_struct_sheet_hbond.range_1_auth_atom_id    N 
_pdbx_struct_sheet_hbond.range_1_auth_comp_id    VAL 
_pdbx_struct_sheet_hbond.range_1_auth_asym_id    A 
_pdbx_struct_sheet_hbond.range_1_auth_seq_id     14 
_pdbx_struct_sheet_hbond.range_2_label_atom_id   O 
_pdbx_struct_sheet_hbond.range_2_label_comp_id   VAL 
_pdbx_struct_sheet_hbond.range_2_label_asym_id   A 
_pdbx_struct_sheet_hbond.range_2_label_seq_id    21 
_pdbx_struct_sheet_hbond.range_2_PDB_ins_code    ? 
_pdbx_struct_sheet_hbond.range_2_auth_atom_id    O 
_pdbx_struct_sheet_hbond.range_2_auth_comp_id    VAL 
_pdbx_struct_sheet_hbond.range_2_auth_asym_id    A 
_pdbx_struct_sheet_hbond.range_2_auth_seq_id     21 
# 
_atom_sites.entry_id                    4NCU 
_atom_sites.fract_transf_matrix[1][1]   -0.03608531 
_atom_sites.fract_transf_matrix[1][2]   -0.00852829 
_atom_sites.fract_transf_matrix[1][3]   -0.01858879 
_atom_sites.fract_transf_matrix[2][1]   -0.00725578 
_atom_sites.fract_transf_matrix[2][2]   -0.03809614 
_atom_sites.fract_transf_matrix[2][3]   -0.01471265 
_atom_sites.fract_transf_matrix[3][1]   -0.00615604 
_atom_sites.fract_transf_matrix[3][2]   -0.00418407 
_atom_sites.fract_transf_matrix[3][3]   0.01386996 
_atom_sites.fract_transf_vector[1]      -0.175995 
_atom_sites.fract_transf_vector[2]      0.078653 
_atom_sites.fract_transf_vector[3]      0.129147 
# 
loop_
_atom_type.symbol 
C 
N 
O 
# 
loop_
_atom_site.group_PDB 
_atom_site.id 
_atom_site.type_symbol 
_atom_site.label_atom_id 
_atom_site.label_alt_id 
_atom_site.label_comp_id 
_atom_site.label_asym_id 
_atom_site.label_entity_id 
_atom_site.label_seq_id 
_atom_site.pdbx_PDB_ins_code 
_atom_site.Cartn_x 
_atom_site.Cartn_y 
_atom_site.Cartn_z 
_atom_site.occupancy 
_atom_site.B_iso_or_equiv 
_atom_site.pdbx_formal_charge 
_atom_site.auth_seq_id 
_atom_site.auth_comp_id 
_atom_site.auth_asym_id 
_atom_site.auth_atom_id 
_atom_site.pdbx_PDB_model_num 
ATOM   1   N N   . GLY A 1 1  ? 4.814  12.642  -8.532  1.00 16.01 ? 1   GLY A N   1 
ATOM   2   C CA  . GLY A 1 1  ? 4.463  11.936  -9.790  1.00 13.13 ? 1   GLY A CA  1 
ATOM   3   C C   . GLY A 1 1  ? 3.296  10.997  -9.591  1.00 10.04 ? 1   GLY A C   1 
ATOM   4   O O   . GLY A 1 1  ? 2.586  11.082  -8.589  1.00 13.52 ? 1   GLY A O   1 
ATOM   5   N N   . TYR A 1 2  ? 3.100  10.104  -10.553 1.00 8.30  ? 2   TYR A N   1 
ATOM   6   C CA  . TYR A 1 2  ? 2.072  9.085   -10.446 1.00 7.87  ? 2   TYR A CA  1 
ATOM   7   C C   . TYR A 1 2  ? 2.569  7.920   -9.601  1.00 8.65  ? 2   TYR A C   1 
ATOM   8   O O   . TYR A 1 2  ? 3.764  7.701   -9.453  1.00 11.49 ? 2   TYR A O   1 
ATOM   9   C CB  . TYR A 1 2  ? 1.639  8.613   -11.836 1.00 8.26  ? 2   TYR A CB  1 
ATOM   10  C CG  . TYR A 1 2  ? 1.076  9.744   -12.663 1.00 8.02  ? 2   TYR A CG  1 
ATOM   11  C CD1 . TYR A 1 2  ? -0.094 10.395  -12.280 1.00 8.64  ? 2   TYR A CD1 1 
ATOM   12  C CD2 . TYR A 1 2  ? 1.721  10.184  -13.808 1.00 9.30  ? 2   TYR A CD2 1 
ATOM   13  C CE1 . TYR A 1 2  ? -0.609 11.444  -13.019 1.00 9.17  ? 2   TYR A CE1 1 
ATOM   14  C CE2 . TYR A 1 2  ? 1.211  11.229  -14.552 1.00 9.95  ? 2   TYR A CE2 1 
ATOM   15  C CZ  . TYR A 1 2  ? 0.048  11.857  -14.158 1.00 9.53  ? 2   TYR A CZ  1 
ATOM   16  O OH  . TYR A 1 2  ? -0.444 12.903  -14.905 1.00 12.17 ? 2   TYR A OH  1 
ATOM   17  N N   . ILE A 1 3  ? 1.637  7.173   -9.045  1.00 10.58 ? 3   ILE A N   1 
ATOM   18  C CA  . ILE A 1 3  ? 1.975  6.119   -8.105  1.00 10.15 ? 3   ILE A CA  1 
ATOM   19  C C   . ILE A 1 3  ? 2.067  4.769   -8.801  1.00 9.71  ? 3   ILE A C   1 
ATOM   20  O O   . ILE A 1 3  ? 1.156  4.420   -9.541  1.00 10.58 ? 3   ILE A O   1 
ATOM   21  C CB  . ILE A 1 3  ? 0.909  6.036   -7.007  1.00 10.48 ? 3   ILE A CB  1 
ATOM   22  C CG1 . ILE A 1 3  ? 0.892  7.350   -6.233  1.00 11.71 ? 3   ILE A CG1 1 
ATOM   23  C CG2 . ILE A 1 3  ? 1.203  4.866   -6.083  1.00 11.40 ? 3   ILE A CG2 1 
ATOM   24  C CD1 . ILE A 1 3  ? -0.242 7.448   -5.258  1.00 14.19 ? 3   ILE A CD1 1 
ATOM   25  N N   . PRO A 1 4  ? 3.166  4.010   -8.584  1.00 11.54 ? 4   PRO A N   1 
ATOM   26  C CA  . PRO A 1 4  ? 3.244  2.659   -9.149  1.00 10.84 ? 4   PRO A CA  1 
ATOM   27  C C   . PRO A 1 4  ? 2.304  1.673   -8.455  1.00 8.37  ? 4   PRO A C   1 
ATOM   28  O O   . PRO A 1 4  ? 1.847  1.922   -7.344  1.00 9.27  ? 4   PRO A O   1 
ATOM   29  C CB  . PRO A 1 4  ? 4.701  2.254   -8.904  1.00 13.29 ? 4   PRO A CB  1 
ATOM   30  C CG  . PRO A 1 4  ? 5.128  3.057   -7.734  1.00 16.06 ? 4   PRO A CG  1 
ATOM   31  C CD  . PRO A 1 4  ? 4.392  4.360   -7.838  1.00 14.21 ? 4   PRO A CD  1 
ATOM   32  N N   . GLU A 1 5  ? 2.037  0.556   -9.119  1.00 7.41  ? 5   GLU A N   1 
ATOM   33  C CA  . GLU A 1 5  ? 1.193  -0.500  -8.576  1.00 6.25  ? 5   GLU A CA  1 
ATOM   34  C C   . GLU A 1 5  ? 1.698  -0.972  -7.206  1.00 5.95  ? 5   GLU A C   1 
ATOM   35  O O   . GLU A 1 5  ? 2.902  -1.010  -6.948  1.00 7.23  ? 5   GLU A O   1 
ATOM   36  C CB  . GLU A 1 5  ? 1.122  -1.668  -9.571  1.00 7.12  ? 5   GLU A CB  1 
ATOM   37  C CG  . GLU A 1 5  ? 0.156  -2.782  -9.194  1.00 6.73  ? 5   GLU A CG  1 
ATOM   38  C CD  . GLU A 1 5  ? -1.262 -2.290  -9.015  1.00 7.45  ? 5   GLU A CD  1 
ATOM   39  O OE1 . GLU A 1 5  ? -1.963 -2.107  -10.025 1.00 10.74 ? 5   GLU A OE1 1 
ATOM   40  O OE2 . GLU A 1 5  ? -1.675 -2.070  -7.873  1.00 6.20  ? 5   GLU A OE2 1 
ATOM   41  N N   . ALA A 1 6  ? 0.753  -1.311  -6.344  1.00 5.26  ? 6   ALA A N   1 
ATOM   42  C CA  . ALA A 1 6  ? 1.032  -1.924  -5.054  1.00 5.16  ? 6   ALA A CA  1 
ATOM   43  C C   . ALA A 1 6  ? 1.356  -3.403  -5.253  1.00 4.94  ? 6   ALA A C   1 
ATOM   44  O O   . ALA A 1 6  ? 1.114  -3.970  -6.319  1.00 5.16  ? 6   ALA A O   1 
ATOM   45  C CB  . ALA A 1 6  ? -0.184 -1.779  -4.144  1.00 5.75  ? 6   ALA A CB  1 
ATOM   46  N N   . PRO A 1 7  ? 1.885  -4.061  -4.214  1.00 4.79  ? 7   PRO A N   1 
ATOM   47  C CA  . PRO A 1 7  ? 2.028  -5.506  -4.332  1.00 4.94  ? 7   PRO A CA  1 
ATOM   48  C C   . PRO A 1 7  ? 0.692  -6.155  -4.695  1.00 4.69  ? 7   PRO A C   1 
ATOM   49  O O   . PRO A 1 7  ? -0.371 -5.664  -4.296  1.00 4.98  ? 7   PRO A O   1 
ATOM   50  C CB  . PRO A 1 7  ? 2.503  -5.926  -2.939  1.00 5.53  ? 7   PRO A CB  1 
ATOM   51  C CG  . PRO A 1 7  ? 3.197  -4.703  -2.417  1.00 5.89  ? 7   PRO A CG  1 
ATOM   52  C CD  . PRO A 1 7  ? 2.334  -3.573  -2.899  1.00 5.30  ? 7   PRO A CD  1 
ATOM   53  N N   . ARG A 1 8  ? 0.758  -7.219  -5.486  1.00 5.08  ? 8   ARG A N   1 
ATOM   54  C CA  . ARG A 1 8  ? -0.405 -7.989  -5.904  1.00 5.67  ? 8   ARG A CA  1 
ATOM   55  C C   . ARG A 1 8  ? -0.295 -9.329  -5.193  1.00 5.54  ? 8   ARG A C   1 
ATOM   56  O O   . ARG A 1 8  ? 0.384  -10.256 -5.659  1.00 6.38  ? 8   ARG A O   1 
ATOM   57  C CB  . ARG A 1 8  ? -0.395 -8.176  -7.415  1.00 7.13  ? 8   ARG A CB  1 
ATOM   58  C CG  . ARG A 1 8  ? -0.589 -6.885  -8.195  1.00 8.76  ? 8   ARG A CG  1 
ATOM   59  C CD  . ARG A 1 8  ? -0.365 -7.105  -9.688  1.00 10.95 ? 8   ARG A CD  1 
ATOM   60  N NE  . ARG A 1 8  ? -1.208 -8.181  -10.230 1.00 15.73 ? 8   ARG A NE  1 
ATOM   61  C CZ  . ARG A 1 8  ? -0.832 -9.444  -10.475 1.00 18.09 ? 8   ARG A CZ  1 
ATOM   62  N NH1 . ARG A 1 8  ? 0.411  -9.866  -10.248 1.00 20.09 ? 8   ARG A NH1 1 
ATOM   63  N NH2 . ARG A 1 8  ? -1.723 -10.304 -10.957 1.00 22.61 ? 8   ARG A NH2 1 
ATOM   64  N N   . ASP A 1 9  ? -0.908 -9.432  -4.020  1.00 5.30  ? 9   ASP A N   1 
ATOM   65  C CA  . ASP A 1 9  ? -0.586 -10.540 -3.119  1.00 5.64  ? 9   ASP A CA  1 
ATOM   66  C C   . ASP A 1 9  ? -1.710 -10.922 -2.174  1.00 5.69  ? 9   ASP A C   1 
ATOM   67  O O   . ASP A 1 9  ? -1.471 -11.606 -1.180  1.00 6.08  ? 9   ASP A O   1 
ATOM   68  C CB  . ASP A 1 9  ? 0.680  -10.195 -2.326  1.00 5.68  ? 9   ASP A CB  1 
ATOM   69  C CG  . ASP A 1 9  ? 0.495  -9.011  -1.385  1.00 5.26  ? 9   ASP A CG  1 
ATOM   70  O OD1 . ASP A 1 9  ? 1.511  -8.578  -0.800  1.00 5.85  ? 9   ASP A OD1 1 
ATOM   71  O OD2 . ASP A 1 9  ? -0.641 -8.513  -1.245  1.00 5.34  ? 9   ASP A OD2 1 
ATOM   72  N N   . GLY A 1 10 ? -2.939 -10.516 -2.474  1.00 5.63  ? 10  GLY A N   1 
ATOM   73  C CA  . GLY A 1 10 ? -4.058 -10.870 -1.622  1.00 6.05  ? 10  GLY A CA  1 
ATOM   74  C C   . GLY A 1 10 ? -4.205 -10.007 -0.383  1.00 5.89  ? 10  GLY A C   1 
ATOM   75  O O   . GLY A 1 10 ? -5.092 -10.263 0.422   1.00 7.23  ? 10  GLY A O   1 
ATOM   76  N N   . GLN A 1 11 ? -3.354 -8.988  -0.229  1.00 5.59  ? 11  GLN A N   1 
ATOM   77  C CA  . GLN A 1 11 ? -3.458 -8.058  0.893   1.00 5.41  ? 11  GLN A CA  1 
ATOM   78  C C   . GLN A 1 11 ? -3.786 -6.656  0.405   1.00 4.70  ? 11  GLN A C   1 
ATOM   79  O O   . GLN A 1 11 ? -3.393 -6.248  -0.689  1.00 4.84  ? 11  GLN A O   1 
ATOM   80  C CB  . GLN A 1 11 ? -2.160 -8.018  1.707   1.00 6.25  ? 11  GLN A CB  1 
ATOM   81  C CG  . GLN A 1 11 ? -1.658 -9.388  2.147   1.00 8.88  ? 11  GLN A CG  1 
ATOM   82  C CD  . GLN A 1 11 ? -0.924 -9.365  3.479   1.00 11.93 ? 11  GLN A CD  1 
ATOM   83  O OE1 . GLN A 1 11 ? 0.276  -9.626  3.537   1.00 15.82 ? 11  GLN A OE1 1 
ATOM   84  N NE2 . GLN A 1 11 ? -1.642 -9.063  4.554   1.00 13.76 ? 11  GLN A NE2 1 
ATOM   85  N N   . ALA A 1 12 ? -4.473 -5.907  1.256   1.00 4.47  ? 12  ALA A N   1 
ATOM   86  C CA  . ALA A 1 12 ? -4.817 -4.525  0.987   1.00 4.34  ? 12  ALA A CA  1 
ATOM   87  C C   . ALA A 1 12 ? -3.734 -3.572  1.469   1.00 3.75  ? 12  ALA A C   1 
ATOM   88  O O   . ALA A 1 12 ? -3.139 -3.759  2.540   1.00 4.06  ? 12  ALA A O   1 
ATOM   89  C CB  . ALA A 1 12 ? -6.135 -4.181  1.653   1.00 5.19  ? 12  ALA A CB  1 
ATOM   90  N N   . TYR A 1 13 ? -3.537 -2.516  0.686   1.00 3.61  ? 13  TYR A N   1 
ATOM   91  C CA  . TYR A 1 13 ? -2.528 -1.495  0.928   1.00 3.68  ? 13  TYR A CA  1 
ATOM   92  C C   . TYR A 1 13 ? -3.138 -0.096  0.917   1.00 3.20  ? 13  TYR A C   1 
ATOM   93  O O   . TYR A 1 13 ? -4.103 0.179   0.191   1.00 3.64  ? 13  TYR A O   1 
ATOM   94  C CB  . TYR A 1 13 ? -1.424 -1.577  -0.130  1.00 3.91  ? 13  TYR A CB  1 
ATOM   95  C CG  . TYR A 1 13 ? -0.593 -2.831  -0.007  1.00 3.94  ? 13  TYR A CG  1 
ATOM   96  C CD1 . TYR A 1 13 ? -0.991 -4.019  -0.607  1.00 4.05  ? 13  TYR A CD1 1 
ATOM   97  C CD2 . TYR A 1 13 ? 0.571  -2.845  0.753   1.00 4.04  ? 13  TYR A CD2 1 
ATOM   98  C CE1 . TYR A 1 13 ? -0.253 -5.185  -0.452  1.00 4.40  ? 13  TYR A CE1 1 
ATOM   99  C CE2 . TYR A 1 13 ? 1.317  -4.003  0.909   1.00 4.53  ? 13  TYR A CE2 1 
ATOM   100 C CZ  . TYR A 1 13 ? 0.906  -5.167  0.303   1.00 4.48  ? 13  TYR A CZ  1 
ATOM   101 O OH  . TYR A 1 13 ? 1.657  -6.296  0.485   1.00 5.25  ? 13  TYR A OH  1 
ATOM   102 N N   . VAL A 1 14 ? -2.548 0.763   1.743   1.00 3.38  ? 14  VAL A N   1 
ATOM   103 C CA  . VAL A 1 14 ? -2.853 2.181   1.793   1.00 3.60  ? 14  VAL A CA  1 
ATOM   104 C C   . VAL A 1 14 ? -1.590 2.965   1.455   1.00 3.58  ? 14  VAL A C   1 
ATOM   105 O O   . VAL A 1 14 ? -0.493 2.413   1.472   1.00 3.80  ? 14  VAL A O   1 
ATOM   106 C CB  . VAL A 1 14 ? -3.420 2.591   3.177   1.00 4.26  ? 14  VAL A CB  1 
ATOM   107 C CG1 . VAL A 1 14 ? -4.733 1.863   3.441   1.00 5.53  ? 14  VAL A CG1 1 
ATOM   108 C CG2 . VAL A 1 14 ? -2.418 2.326   4.296   1.00 5.17  ? 14  VAL A CG2 1 
ATOM   109 N N   . ARG A 1 15 ? -1.755 4.244   1.136   1.00 3.60  ? 15  ARG A N   1 
ATOM   110 C CA  . ARG A 1 15 ? -0.636 5.054   0.680   1.00 3.77  ? 15  ARG A CA  1 
ATOM   111 C C   . ARG A 1 15 ? -0.118 5.909   1.824   1.00 3.76  ? 15  ARG A C   1 
ATOM   112 O O   . ARG A 1 15 ? -0.869 6.656   2.441   1.00 4.15  ? 15  ARG A O   1 
ATOM   113 C CB  . ARG A 1 15 ? -1.057 5.917   -0.505  1.00 4.31  ? 15  ARG A CB  1 
ATOM   114 C CG  . ARG A 1 15 ? 0.097  6.520   -1.278  1.00 4.53  ? 15  ARG A CG  1 
ATOM   115 C CD  . ARG A 1 15 ? 0.856  5.465   -2.057  1.00 4.78  ? 15  ARG A CD  1 
ATOM   116 N NE  . ARG A 1 15 ? 1.996  6.042   -2.753  1.00 4.98  ? 15  ARG A NE  1 
ATOM   117 C CZ  . ARG A 1 15 ? 2.993  5.330   -3.270  1.00 5.25  ? 15  ARG A CZ  1 
ATOM   118 N NH1 . ARG A 1 15 ? 2.993  4.004   -3.185  1.00 5.70  ? 15  ARG A NH1 1 
ATOM   119 N NH2 . ARG A 1 15 ? 3.993  5.943   -3.893  1.00 6.21  ? 15  ARG A NH2 1 
ATOM   120 N N   . LYS A 1 16 ? 1.175  5.796   2.113   1.00 4.17  ? 16  LYS A N   1 
ATOM   121 C CA  . LYS A 1 16 ? 1.789  6.509   3.222   1.00 4.61  ? 16  LYS A CA  1 
ATOM   122 C C   . LYS A 1 16 ? 3.260  6.711   2.902   1.00 4.76  ? 16  LYS A C   1 
ATOM   123 O O   . LYS A 1 16 ? 3.929  5.771   2.465   1.00 4.71  ? 16  LYS A O   1 
ATOM   124 C CB  . LYS A 1 16 ? 1.663  5.689   4.516   1.00 5.36  ? 16  LYS A CB  1 
ATOM   125 C CG  . LYS A 1 16 ? 2.400  6.294   5.705   1.00 6.21  ? 16  LYS A CG  1 
ATOM   126 C CD  . LYS A 1 16 ? 2.196  5.529   7.001   1.00 7.54  ? 16  LYS A CD  1 
ATOM   127 C CE  . LYS A 1 16 ? 3.230  5.966   8.045   1.00 9.78  ? 16  LYS A CE  1 
ATOM   128 N NZ  . LYS A 1 16 ? 3.042  5.305   9.356   1.00 11.81 ? 16  LYS A NZ  1 
ATOM   129 N N   . ASP A 1 17 ? 3.777  7.910   3.142   1.00 5.51  ? 17  ASP A N   1 
ATOM   130 C CA  . ASP A 1 17 ? 5.207  8.163   3.013   1.00 6.33  ? 17  ASP A CA  1 
ATOM   131 C C   . ASP A 1 17 ? 5.746  7.842   1.615   1.00 6.08  ? 17  ASP A C   1 
ATOM   132 O O   . ASP A 1 17 ? 6.903  7.462   1.466   1.00 7.22  ? 17  ASP A O   1 
ATOM   133 C CB  . ASP A 1 17 ? 6.003  7.361   4.060   1.00 7.02  ? 17  ASP A CB  1 
ATOM   134 C CG  . ASP A 1 17 ? 5.715  7.782   5.481   1.00 7.94  ? 17  ASP A CG  1 
ATOM   135 O OD1 . ASP A 1 17 ? 5.342  8.944   5.716   1.00 9.21  ? 17  ASP A OD1 1 
ATOM   136 O OD2 . ASP A 1 17 ? 5.878  6.936   6.382   1.00 12.19 ? 17  ASP A OD2 1 
ATOM   137 N N   . GLY A 1 18 ? 4.921  8.007   0.589   1.00 6.16  ? 18  GLY A N   1 
ATOM   138 C CA  . GLY A 1 18 ? 5.339  7.696   -0.776  1.00 5.87  ? 18  GLY A CA  1 
ATOM   139 C C   . GLY A 1 18 ? 5.571  6.214   -1.003  1.00 5.85  ? 18  GLY A C   1 
ATOM   140 O O   . GLY A 1 18 ? 6.401  5.819   -1.830  1.00 6.93  ? 18  GLY A O   1 
ATOM   141 N N   . GLU A 1 19 ? 4.821  5.404   -0.261  1.00 5.30  ? 19  GLU A N   1 
ATOM   142 C CA  . GLU A 1 19 ? 4.964  3.952   -0.245  1.00 5.44  ? 19  GLU A CA  1 
ATOM   143 C C   . GLU A 1 19 ? 3.609  3.293   -0.085  1.00 4.41  ? 19  GLU A C   1 
ATOM   144 O O   . GLU A 1 19 ? 2.633  3.931   0.321   1.00 4.87  ? 19  GLU A O   1 
ATOM   145 C CB  . GLU A 1 19 ? 5.819  3.524   0.949   1.00 7.20  ? 19  GLU A CB  1 
ATOM   146 C CG  . GLU A 1 19 ? 7.214  4.106   0.949   1.00 9.66  ? 19  GLU A CG  1 
ATOM   147 C CD  . GLU A 1 19 ? 7.964  3.808   2.222   1.00 10.99 ? 19  GLU A CD  1 
ATOM   148 O OE1 . GLU A 1 19 ? 7.314  3.300   3.168   1.00 11.89 ? 19  GLU A OE1 1 
ATOM   149 O OE2 . GLU A 1 19 ? 9.161  4.137   2.265   1.00 15.57 ? 19  GLU A OE2 1 
ATOM   150 N N   . TRP A 1 20 ? 3.565  2.001   -0.390  1.00 4.17  ? 20  TRP A N   1 
ATOM   151 C CA  . TRP A 1 20 ? 2.414  1.171   -0.091  1.00 4.08  ? 20  TRP A CA  1 
ATOM   152 C C   . TRP A 1 20 ? 2.652  0.414   1.210   1.00 4.06  ? 20  TRP A C   1 
ATOM   153 O O   . TRP A 1 20 ? 3.623  -0.344  1.346   1.00 4.93  ? 20  TRP A O   1 
ATOM   154 C CB  . TRP A 1 20 ? 2.158  0.193   -1.237  1.00 4.26  ? 20  TRP A CB  1 
ATOM   155 C CG  . TRP A 1 20 ? 1.653  0.833   -2.475  1.00 4.81  ? 20  TRP A CG  1 
ATOM   156 C CD1 . TRP A 1 20 ? 2.294  0.909   -3.671  1.00 5.55  ? 20  TRP A CD1 1 
ATOM   157 C CD2 . TRP A 1 20 ? 0.382  1.464   -2.653  1.00 5.21  ? 20  TRP A CD2 1 
ATOM   158 N NE1 . TRP A 1 20 ? 1.502  1.548   -4.586  1.00 6.96  ? 20  TRP A NE1 1 
ATOM   159 C CE2 . TRP A 1 20 ? 0.319  1.902   -3.988  1.00 6.40  ? 20  TRP A CE2 1 
ATOM   160 C CE3 . TRP A 1 20 ? -0.711 1.700   -1.809  1.00 5.18  ? 20  TRP A CE3 1 
ATOM   161 C CZ2 . TRP A 1 20 ? -0.797 2.555   -4.505  1.00 7.44  ? 20  TRP A CZ2 1 
ATOM   162 C CZ3 . TRP A 1 20 ? -1.819 2.350   -2.329  1.00 6.35  ? 20  TRP A CZ3 1 
ATOM   163 C CH2 . TRP A 1 20 ? -1.852 2.770   -3.665  1.00 7.20  ? 20  TRP A CH2 1 
ATOM   164 N N   . VAL A 1 21 ? 1.759  0.630   2.164   1.00 3.50  ? 21  VAL A N   1 
ATOM   165 C CA  . VAL A 1 21 ? 1.851  0.036   3.492   1.00 3.67  ? 21  VAL A CA  1 
ATOM   166 C C   . VAL A 1 21 ? 0.609  -0.826  3.728   1.00 3.67  ? 21  VAL A C   1 
ATOM   167 O O   . VAL A 1 21 ? -0.494 -0.435  3.349   1.00 3.77  ? 21  VAL A O   1 
ATOM   168 C CB  . VAL A 1 21 ? 1.964  1.132   4.576   1.00 4.23  ? 21  VAL A CB  1 
ATOM   169 C CG1 . VAL A 1 21 ? 2.063  0.522   5.962   1.00 5.11  ? 21  VAL A CG1 1 
ATOM   170 C CG2 . VAL A 1 21 ? 3.171  2.022   4.303   1.00 4.52  ? 21  VAL A CG2 1 
ATOM   171 N N   . LEU A 1 22 ? 0.782  -2.008  4.308   1.00 3.94  ? 22  LEU A N   1 
ATOM   172 C CA  . LEU A 1 22 ? -0.364 -2.867  4.580   1.00 4.17  ? 22  LEU A CA  1 
ATOM   173 C C   . LEU A 1 22 ? -1.438 -2.150  5.388   1.00 3.98  ? 22  LEU A C   1 
ATOM   174 O O   . LEU A 1 22 ? -1.149 -1.561  6.431   1.00 4.89  ? 22  LEU A O   1 
ATOM   175 C CB  . LEU A 1 22 ? 0.070  -4.102  5.362   1.00 4.84  ? 22  LEU A CB  1 
ATOM   176 C CG  . LEU A 1 22 ? 0.846  -5.145  4.559   1.00 5.35  ? 22  LEU A CG  1 
ATOM   177 C CD1 . LEU A 1 22 ? 1.536  -6.112  5.500   1.00 6.64  ? 22  LEU A CD1 1 
ATOM   178 C CD2 . LEU A 1 22 ? -0.063 -5.902  3.602   1.00 5.71  ? 22  LEU A CD2 1 
ATOM   179 N N   . LEU A 1 23 ? -2.684 -2.231  4.932   1.00 3.98  ? 23  LEU A N   1 
ATOM   180 C CA  . LEU A 1 23 ? -3.808 -1.717  5.695   1.00 4.50  ? 23  LEU A CA  1 
ATOM   181 C C   . LEU A 1 23 ? -3.842 -2.329  7.094   1.00 5.05  ? 23  LEU A C   1 
ATOM   182 O O   . LEU A 1 23 ? -4.165 -1.645  8.072   1.00 5.52  ? 23  LEU A O   1 
ATOM   183 C CB  . LEU A 1 23 ? -5.105 -2.029  4.958   1.00 4.65  ? 23  LEU A CB  1 
ATOM   184 C CG  . LEU A 1 23 ? -6.401 -1.718  5.712   1.00 5.02  ? 23  LEU A CG  1 
ATOM   185 C CD1 . LEU A 1 23 ? -6.554 -0.241  6.057   1.00 5.78  ? 23  LEU A CD1 1 
ATOM   186 C CD2 . LEU A 1 23 ? -7.585 -2.222  4.902   1.00 5.73  ? 23  LEU A CD2 1 
ATOM   187 N N   . SER A 1 24 ? -3.510 -3.615  7.194   1.00 5.41  ? 24  SER A N   1 
ATOM   188 C CA  . SER A 1 24 ? -3.593 -4.328  8.466   1.00 6.51  ? 24  SER A CA  1 
ATOM   189 C C   . SER A 1 24 ? -2.710 -3.720  9.558   1.00 6.73  ? 24  SER A C   1 
ATOM   190 O O   . SER A 1 24 ? -2.989 -3.894  10.740  1.00 8.40  ? 24  SER A O   1 
ATOM   191 C CB  . SER A 1 24 ? -3.230 -5.795  8.274   1.00 7.57  ? 24  SER A CB  1 
ATOM   192 O OG  . SER A 1 24 ? -1.908 -5.920  7.790   1.00 8.11  ? 24  SER A OG  1 
ATOM   193 N N   . THR A 1 25 ? -1.665 -3.000  9.159   1.00 6.65  ? 25  THR A N   1 
ATOM   194 C CA  . THR A 1 25 ? -0.803 -2.247  10.083  1.00 8.04  ? 25  THR A CA  1 
ATOM   195 C C   . THR A 1 25 ? -1.601 -1.329  11.002  1.00 7.48  ? 25  THR A C   1 
ATOM   196 O O   . THR A 1 25 ? -1.210 -1.086  12.144  1.00 9.60  ? 25  THR A O   1 
ATOM   197 C CB  . THR A 1 25 ? 0.174  -1.331  9.305   1.00 9.46  ? 25  THR A CB  1 
ATOM   198 O OG1 . THR A 1 25 ? 0.780  -2.057  8.239   1.00 10.02 ? 25  THR A OG1 1 
ATOM   199 C CG2 . THR A 1 25 ? 1.253  -0.765  10.211  1.00 10.10 ? 25  THR A CG2 1 
ATOM   200 N N   . PHE A 1 26 ? -2.699 -0.800  10.474  1.00 6.81  ? 26  PHE A N   1 
ATOM   201 C CA  . PHE A 1 26 ? -3.484 0.232   11.133  1.00 7.83  ? 26  PHE A CA  1 
ATOM   202 C C   . PHE A 1 26 ? -4.749 -0.297  11.786  1.00 8.31  ? 26  PHE A C   1 
ATOM   203 O O   . PHE A 1 26 ? -5.516 0.479   12.339  1.00 9.67  ? 26  PHE A O   1 
ATOM   204 C CB  . PHE A 1 26 ? -3.815 1.316   10.102  1.00 8.15  ? 26  PHE A CB  1 
ATOM   205 C CG  . PHE A 1 26 ? -2.592 1.856   9.433   1.00 8.77  ? 26  PHE A CG  1 
ATOM   206 C CD1 . PHE A 1 26 ? -2.208 1.418   8.168   1.00 8.54  ? 26  PHE A CD1 1 
ATOM   207 C CD2 . PHE A 1 26 ? -1.767 2.730   10.112  1.00 10.66 ? 26  PHE A CD2 1 
ATOM   208 C CE1 . PHE A 1 26 ? -1.044 1.881   7.584   1.00 9.20  ? 26  PHE A CE1 1 
ATOM   209 C CE2 . PHE A 1 26 ? -0.610 3.197   9.528   1.00 12.05 ? 26  PHE A CE2 1 
ATOM   210 C CZ  . PHE A 1 26 ? -0.244 2.771   8.265   1.00 10.76 ? 26  PHE A CZ  1 
ATOM   211 N N   . LEU A 1 27 ? -4.951 -1.612  11.736  1.00 8.39  ? 27  LEU A N   1 
ATOM   212 C CA  . LEU A 1 27 ? -6.178 -2.225  12.244  1.00 10.08 ? 27  LEU A CA  1 
ATOM   213 C C   . LEU A 1 27 ? -5.901 -3.212  13.358  1.00 11.07 ? 27  LEU A C   1 
ATOM   214 O O   . LEU A 1 27 ? -4.778 -3.711  13.488  1.00 13.70 ? 27  LEU A O   1 
ATOM   215 C CB  . LEU A 1 27 ? -6.907 -2.945  11.112  1.00 10.23 ? 27  LEU A CB  1 
ATOM   216 C CG  . LEU A 1 27 ? -7.265 -2.076  9.909   1.00 10.20 ? 27  LEU A CG  1 
ATOM   217 C CD1 . LEU A 1 27 ? -8.032 -2.902  8.888   1.00 9.74  ? 27  LEU A CD1 1 
ATOM   218 C CD2 . LEU A 1 27 ? -8.082 -0.862  10.320  1.00 11.60 ? 27  LEU A CD2 1 
ATOM   219 O OXT . LEU A 1 27 ? -6.815 -3.534  14.119  1.00 12.80 ? 27  LEU A OXT 1 
HETATM 220 O O   . HOH B 2 .  ? 2.344  9.168   0.153   1.00 5.88  ? 101 HOH A O   1 
HETATM 221 O O   . HOH B 2 .  ? 5.801  2.998   -4.196  1.00 8.09  ? 102 HOH A O   1 
HETATM 222 O O   . HOH B 2 .  ? -3.510 -5.367  4.819   1.00 5.95  ? 103 HOH A O   1 
HETATM 223 O O   . HOH B 2 .  ? -2.476 -7.016  -3.192  1.00 4.81  ? 104 HOH A O   1 
HETATM 224 O O   . HOH B 2 .  ? 0.082  -12.501 0.812   1.00 6.05  ? 105 HOH A O   1 
HETATM 225 O O   . HOH B 2 .  ? 4.505  -2.434  -0.332  1.00 8.59  ? 106 HOH A O   1 
HETATM 226 O O   . HOH B 2 .  ? 3.948  -9.546  -1.660  1.00 10.38 ? 107 HOH A O   1 
HETATM 227 O O   . HOH B 2 .  ? 2.214  -11.567 -7.175  1.00 7.58  ? 108 HOH A O   1 
HETATM 228 O O   . HOH B 2 .  ? 1.862  -10.441 1.357   1.00 8.46  ? 109 HOH A O   1 
HETATM 229 O O   . HOH B 2 .  ? -5.982 -7.280  3.585   1.00 14.57 ? 110 HOH A O   1 
HETATM 230 O O   . HOH B 2 .  ? 3.425  -8.077  -6.481  1.00 16.88 ? 111 HOH A O   1 
HETATM 231 O O   . HOH B 2 .  ? 3.792  -6.531  2.007   1.00 14.40 ? 112 HOH A O   1 
HETATM 232 O O   . HOH B 2 .  ? 5.593  -1.567  -2.666  1.00 11.81 ? 113 HOH A O   1 
HETATM 233 O O   . HOH B 2 .  ? 3.943  2.845   8.225   1.00 14.97 ? 114 HOH A O   1 
HETATM 234 O O   . HOH B 2 .  ? 0.797  6.443   10.461  1.00 15.33 ? 115 HOH A O   1 
HETATM 235 O O   . HOH B 2 .  ? 3.009  -4.979  -8.081  1.00 14.81 ? 116 HOH A O   1 
HETATM 236 O O   . HOH B 2 .  ? 9.227  8.044   4.385   1.00 34.11 ? 117 HOH A O   1 
HETATM 237 O O   . HOH B 2 .  ? 2.620  14.110  -7.712  1.00 20.23 ? 118 HOH A O   1 
HETATM 238 O O   . HOH B 2 .  ? 4.742  -1.814  -5.092  1.00 15.02 ? 119 HOH A O   1 
HETATM 239 O O   . HOH B 2 .  ? 3.310  -2.543  7.985   1.00 16.86 ? 120 HOH A O   1 
HETATM 240 O O   . HOH B 2 .  ? -5.524 2.961   13.452  1.00 14.28 ? 121 HOH A O   1 
HETATM 241 O O   . HOH B 2 .  ? -6.369 -5.560  5.441   1.00 16.38 ? 122 HOH A O   1 
HETATM 242 O O   . HOH B 2 .  ? 5.088  6.615   10.834  1.00 21.47 ? 123 HOH A O   1 
HETATM 243 O O   . HOH B 2 .  ? 4.948  -1.415  -8.756  1.00 16.20 ? 124 HOH A O   1 
HETATM 244 O O   . HOH B 2 .  ? 5.878  -7.898  -2.664  1.00 21.21 ? 125 HOH A O   1 
HETATM 245 O O   . HOH B 2 .  ? 6.593  7.625   8.917   1.00 26.02 ? 126 HOH A O   1 
HETATM 246 O O   . HOH B 2 .  ? 5.526  -6.803  -5.021  1.00 25.69 ? 127 HOH A O   1 
HETATM 247 O O   . HOH B 2 .  ? 5.519  4.080   6.035   1.00 22.62 ? 128 HOH A O   1 
HETATM 248 O O   . HOH B 2 .  ? 6.561  0.427   -5.505  1.00 21.02 ? 129 HOH A O   1 
HETATM 249 O O   . HOH B 2 .  ? 9.317  7.928   1.448   1.00 22.09 ? 130 HOH A O   1 
HETATM 250 O O   . HOH B 2 .  ? -4.846 -12.872 1.025   1.00 19.24 ? 131 HOH A O   1 
HETATM 251 O O   . HOH B 2 .  ? -1.263 -8.402  7.038   1.00 19.66 ? 132 HOH A O   1 
HETATM 252 O O   . HOH B 2 .  ? 5.594  -4.090  -8.648  1.00 27.86 ? 133 HOH A O   1 
HETATM 253 O O   . HOH B 2 .  ? 5.738  -4.230  -5.887  1.00 25.61 ? 134 HOH A O   1 
HETATM 254 O O   . HOH B 2 .  ? -3.612 -7.268  -11.496 1.00 26.80 ? 135 HOH A O   1 
HETATM 255 O O   . HOH B 2 .  ? 2.534  -4.646  -11.063 1.00 30.34 ? 136 HOH A O   1 
HETATM 256 O O   . HOH B 2 .  ? -1.648 -4.196  -11.922 1.00 27.16 ? 137 HOH A O   1 
HETATM 257 O O   . HOH B 2 .  ? -5.147 -6.631  11.437  1.00 25.79 ? 138 HOH A O   1 
HETATM 258 O O   . HOH B 2 .  ? 1.420  -8.425  8.648   1.00 28.08 ? 139 HOH A O   1 
HETATM 259 O O   . HOH B 2 .  ? -0.015 -6.141  9.620   1.00 25.04 ? 140 HOH A O   1 
HETATM 260 O O   . HOH B 2 .  ? -3.695 -0.445  15.372  1.00 37.33 ? 141 HOH A O   1 
HETATM 261 O O   . HOH B 2 .  ? -6.988 -6.173  7.776   1.00 26.05 ? 142 HOH A O   1 
HETATM 262 O O   . HOH B 2 .  ? 6.270  8.737   -10.268 1.00 26.29 ? 143 HOH A O   1 
HETATM 263 O O   . HOH B 2 .  ? 7.417  -0.149  -8.128  1.00 33.17 ? 144 HOH A O   1 
HETATM 264 O O   . HOH B 2 .  ? -1.017 -1.243  -12.672 1.00 28.96 ? 145 HOH A O   1 
HETATM 265 O O   . HOH B 2 .  ? 6.941  5.286   -5.312  1.00 26.41 ? 146 HOH A O   1 
HETATM 266 O O   . HOH B 2 .  ? -5.962 -7.968  9.308   1.00 39.85 ? 147 HOH A O   1 
HETATM 267 O O   . HOH B 2 .  ? 1.676  14.087  -11.612 1.00 31.97 ? 148 HOH A O   1 
HETATM 268 O O   . HOH B 2 .  ? -3.034 -5.730  12.459  1.00 25.22 ? 149 HOH A O   1 
HETATM 269 O O   . HOH B 2 .  ? -2.843 13.736  -14.680 1.00 30.18 ? 150 HOH A O   1 
HETATM 270 O O   . HOH B 2 .  ? -4.110 -5.742  15.224  1.00 33.10 ? 151 HOH A O   1 
HETATM 271 O O   . HOH B 2 .  ? 6.907  14.370  -9.052  1.00 43.02 ? 152 HOH A O   1 
HETATM 272 O O   . HOH B 2 .  ? -0.178 1.632   13.401  1.00 40.47 ? 153 HOH A O   1 
HETATM 273 O O   . HOH B 2 .  ? 1.118  -2.342  13.383  1.00 31.93 ? 154 HOH A O   1 
HETATM 274 O O   . HOH B 2 .  ? 3.093  -8.492  -9.357  1.00 32.01 ? 155 HOH A O   1 
HETATM 275 O O   . HOH B 2 .  ? 8.087  7.470   -3.346  1.00 26.96 ? 156 HOH A O   1 
HETATM 276 O O   . HOH B 2 .  ? 2.051  2.893   11.969  1.00 41.21 ? 157 HOH A O   1 
HETATM 277 O O   . HOH B 2 .  ? -3.219 -9.671  8.824   1.00 41.16 ? 158 HOH A O   1 
HETATM 278 O O   . HOH B 2 .  ? 8.886  -2.489  -5.943  1.00 50.23 ? 159 HOH A O   1 
HETATM 279 O O   . HOH B 2 .  ? 4.684  4.315   12.617  1.00 50.02 ? 160 HOH A O   1 
HETATM 280 O O   . HOH B 2 .  ? 3.171  -9.495  3.901   1.00 37.95 ? 161 HOH A O   1 
HETATM 281 O O   . HOH B 2 .  ? 1.227  -9.824  6.190   1.00 27.04 ? 162 HOH A O   1 
HETATM 282 O O   . HOH B 2 .  ? -3.661 -10.518 3.775   1.00 25.22 ? 163 HOH A O   1 
HETATM 283 O O   . HOH B 2 .  ? 8.183  -4.955  -7.520  1.00 56.33 ? 164 HOH A O   1 
HETATM 284 O O   . HOH B 2 .  ? -1.065 -4.121  13.348  1.00 40.18 ? 165 HOH A O   1 
HETATM 285 O O   . HOH B 2 .  ? -3.420 -9.389  -13.331 1.00 82.40 ? 166 HOH A O   1 
HETATM 286 O O   . HOH B 2 .  ? 4.639  16.370  -8.975  1.00 48.88 ? 167 HOH A O   1 
HETATM 287 O O   . HOH B 2 .  ? -1.584 -12.327 5.703   1.00 46.36 ? 168 HOH A O   1 
HETATM 288 O O   . HOH B 2 .  ? -3.774 -8.131  5.131   1.00 24.50 ? 169 HOH A O   1 
# 
loop_
_atom_site_anisotrop.id 
_atom_site_anisotrop.type_symbol 
_atom_site_anisotrop.pdbx_label_atom_id 
_atom_site_anisotrop.pdbx_label_alt_id 
_atom_site_anisotrop.pdbx_label_comp_id 
_atom_site_anisotrop.pdbx_label_asym_id 
_atom_site_anisotrop.pdbx_label_seq_id 
_atom_site_anisotrop.pdbx_PDB_ins_code 
_atom_site_anisotrop.U[1][1] 
_atom_site_anisotrop.U[2][2] 
_atom_site_anisotrop.U[3][3] 
_atom_site_anisotrop.U[1][2] 
_atom_site_anisotrop.U[1][3] 
_atom_site_anisotrop.U[2][3] 
_atom_site_anisotrop.pdbx_auth_seq_id 
_atom_site_anisotrop.pdbx_auth_comp_id 
_atom_site_anisotrop.pdbx_auth_asym_id 
_atom_site_anisotrop.pdbx_auth_atom_id 
1   N N   . GLY A 1  ? 0.1829 0.2217 0.2038 -0.0927 0.0253  -0.0539 1   GLY A N   
2   C CA  . GLY A 1  ? 0.1481 0.1835 0.1673 -0.0884 0.0505  -0.0176 1   GLY A CA  
3   C C   . GLY A 1  ? 0.1171 0.1609 0.1034 -0.0641 0.0460  -0.0121 1   GLY A C   
4   O O   . GLY A 1  ? 0.1524 0.2281 0.1333 -0.0782 0.0745  -0.0535 1   GLY A O   
5   N N   . TYR A 2  ? 0.1087 0.1264 0.0801 -0.0293 0.0230  0.0138  2   TYR A N   
6   C CA  . TYR A 2  ? 0.1168 0.1072 0.0749 -0.0229 0.0067  0.0263  2   TYR A CA  
7   C C   . TYR A 2  ? 0.1462 0.1178 0.0646 -0.0147 -0.0038 0.0252  2   TYR A C   
8   O O   . TYR A 2  ? 0.1572 0.1544 0.1250 0.0225  0.0143  0.0413  2   TYR A O   
9   C CB  . TYR A 2  ? 0.1254 0.1196 0.0687 -0.0129 0.0055  0.0293  2   TYR A CB  
10  C CG  . TYR A 2  ? 0.1079 0.1294 0.0674 -0.0128 0.0052  0.0328  2   TYR A CG  
11  C CD1 . TYR A 2  ? 0.1114 0.1292 0.0876 -0.0090 0.0012  0.0242  2   TYR A CD1 
12  C CD2 . TYR A 2  ? 0.1159 0.1618 0.0755 -0.0109 0.0097  0.0461  2   TYR A CD2 
13  C CE1 . TYR A 2  ? 0.1157 0.1405 0.0921 -0.0095 0.0031  0.0356  2   TYR A CE1 
14  C CE2 . TYR A 2  ? 0.1280 0.1630 0.0868 -0.0056 0.0125  0.0502  2   TYR A CE2 
15  C CZ  . TYR A 2  ? 0.1239 0.1484 0.0897 -0.0072 -0.0011 0.0462  2   TYR A CZ  
16  O OH  . TYR A 2  ? 0.1730 0.1628 0.1266 -0.0015 -0.0153 0.0662  2   TYR A OH  
17  N N   . ILE A 3  ? 0.1858 0.1260 0.0902 -0.0412 -0.0229 0.0558  3   ILE A N   
18  C CA  . ILE A 3  ? 0.2054 0.1061 0.0739 -0.0251 -0.0120 0.0364  3   ILE A CA  
19  C C   . ILE A 3  ? 0.1857 0.1286 0.0544 -0.0405 0.0088  0.0150  3   ILE A C   
20  O O   . ILE A 3  ? 0.1680 0.1837 0.0504 -0.0518 0.0282  -0.0058 3   ILE A O   
21  C CB  . ILE A 3  ? 0.1880 0.1156 0.0946 -0.0198 -0.0096 0.0272  3   ILE A CB  
22  C CG1 . ILE A 3  ? 0.1796 0.1221 0.1431 0.0055  0.0031  0.0094  3   ILE A CG1 
23  C CG2 . ILE A 3  ? 0.1917 0.1266 0.1147 -0.0147 -0.0065 0.0400  3   ILE A CG2 
24  C CD1 . ILE A 3  ? 0.1654 0.1648 0.2087 -0.0008 0.0206  -0.0069 3   ILE A CD1 
25  N N   . PRO A 4  ? 0.2026 0.1384 0.0974 -0.0275 -0.0115 0.0133  4   PRO A N   
26  C CA  . PRO A 4  ? 0.1819 0.1341 0.0956 -0.0330 0.0164  0.0163  4   PRO A CA  
27  C C   . PRO A 4  ? 0.1485 0.1117 0.0577 -0.0112 0.0115  0.0065  4   PRO A C   
28  O O   . PRO A 4  ? 0.1930 0.1029 0.0562 -0.0194 0.0226  0.0111  4   PRO A O   
29  C CB  . PRO A 4  ? 0.1891 0.1533 0.1626 -0.0220 0.0103  -0.0089 4   PRO A CB  
30  C CG  . PRO A 4  ? 0.2380 0.1862 0.1859 0.0018  -0.0379 -0.0210 4   PRO A CG  
31  C CD  . PRO A 4  ? 0.2136 0.1675 0.1587 -0.0191 -0.0348 -0.0135 4   PRO A CD  
32  N N   . GLU A 5  ? 0.1122 0.0981 0.0712 -0.0039 0.0203  0.0067  5   GLU A N   
33  C CA  . GLU A 5  ? 0.0885 0.0857 0.0631 0.0053  0.0112  0.0002  5   GLU A CA  
34  C C   . GLU A 5  ? 0.0873 0.0740 0.0645 0.0077  0.0108  0.0012  5   GLU A C   
35  O O   . GLU A 5  ? 0.0912 0.1039 0.0795 -0.0025 0.0048  0.0065  5   GLU A O   
36  C CB  . GLU A 5  ? 0.0916 0.0991 0.0795 0.0064  0.0097  -0.0145 5   GLU A CB  
37  C CG  . GLU A 5  ? 0.0710 0.1064 0.0783 0.0079  0.0043  -0.0212 5   GLU A CG  
38  C CD  . GLU A 5  ? 0.0683 0.1248 0.0898 0.0156  -0.0127 -0.0168 5   GLU A CD  
39  O OE1 . GLU A 5  ? 0.0994 0.2254 0.0830 0.0330  -0.0148 -0.0112 5   GLU A OE1 
40  O OE2 . GLU A 5  ? 0.0552 0.0995 0.0806 0.0045  -0.0091 0.0083  5   GLU A OE2 
41  N N   . ALA A 6  ? 0.0799 0.0606 0.0593 0.0078  0.0053  -0.0003 6   ALA A N   
42  C CA  . ALA A 6  ? 0.0760 0.0592 0.0609 0.0027  0.0048  0.0009  6   ALA A CA  
43  C C   . ALA A 6  ? 0.0584 0.0616 0.0676 0.0018  0.0011  -0.0084 6   ALA A C   
44  O O   . ALA A 6  ? 0.0731 0.0605 0.0624 0.0034  0.0032  -0.0053 6   ALA A O   
45  C CB  . ALA A 6  ? 0.0716 0.0668 0.0797 0.0055  0.0073  -0.0021 6   ALA A CB  
46  N N   . PRO A 7  ? 0.0587 0.0544 0.0689 -0.0019 -0.0048 -0.0118 7   PRO A N   
47  C CA  . PRO A 7  ? 0.0611 0.0553 0.0711 0.0027  -0.0036 -0.0083 7   PRO A CA  
48  C C   . PRO A 7  ? 0.0599 0.0502 0.0680 0.0051  -0.0057 -0.0053 7   PRO A C   
49  O O   . PRO A 7  ? 0.0596 0.0555 0.0738 0.0036  -0.0008 -0.0065 7   PRO A O   
50  C CB  . PRO A 7  ? 0.0680 0.0667 0.0753 0.0056  -0.0095 -0.0058 7   PRO A CB  
51  C CG  . PRO A 7  ? 0.0742 0.0670 0.0822 0.0033  -0.0088 -0.0064 7   PRO A CG  
52  C CD  . PRO A 7  ? 0.0682 0.0613 0.0719 -0.0036 -0.0132 -0.0104 7   PRO A CD  
53  N N   . ARG A 8  ? 0.0690 0.0530 0.0710 0.0064  -0.0029 -0.0073 8   ARG A N   
54  C CA  . ARG A 8  ? 0.0836 0.0601 0.0716 -0.0043 -0.0079 -0.0037 8   ARG A CA  
55  C C   . ARG A 8  ? 0.0804 0.0562 0.0738 0.0012  -0.0042 -0.0068 8   ARG A C   
56  O O   . ARG A 8  ? 0.0912 0.0580 0.0932 0.0070  0.0049  -0.0052 8   ARG A O   
57  C CB  . ARG A 8  ? 0.1048 0.0931 0.0730 -0.0037 -0.0090 -0.0042 8   ARG A CB  
58  C CG  . ARG A 8  ? 0.1166 0.1069 0.1091 0.0030  -0.0176 0.0142  8   ARG A CG  
59  C CD  . ARG A 8  ? 0.2276 0.0900 0.0983 0.0349  -0.0346 0.0263  8   ARG A CD  
60  N NE  . ARG A 8  ? 0.2948 0.1599 0.1428 -0.0079 -0.0355 0.0018  8   ARG A NE  
61  C CZ  . ARG A 8  ? 0.3209 0.1925 0.1738 0.0380  -0.0232 -0.0008 8   ARG A CZ  
62  N NH1 . ARG A 8  ? 0.3143 0.2735 0.1755 0.0384  -0.0152 0.0012  8   ARG A NH1 
63  N NH2 . ARG A 8  ? 0.3851 0.2287 0.2450 -0.0018 -0.0481 0.0023  8   ARG A NH2 
64  N N   . ASP A 9  ? 0.0789 0.0529 0.0694 0.0034  -0.0092 -0.0037 9   ASP A N   
65  C CA  . ASP A 9  ? 0.0829 0.0505 0.0808 0.0017  -0.0147 -0.0015 9   ASP A CA  
66  C C   . ASP A 9  ? 0.0776 0.0517 0.0867 0.0039  -0.0128 -0.0074 9   ASP A C   
67  O O   . ASP A 9  ? 0.0805 0.0542 0.0960 0.0069  -0.0189 -0.0020 9   ASP A O   
68  C CB  . ASP A 9  ? 0.0715 0.0554 0.0890 0.0064  -0.0096 -0.0039 9   ASP A CB  
69  C CG  . ASP A 9  ? 0.0627 0.0550 0.0821 0.0060  -0.0155 -0.0011 9   ASP A CG  
70  O OD1 . ASP A 9  ? 0.0678 0.0559 0.0983 0.0087  -0.0231 -0.0092 9   ASP A OD1 
71  O OD2 . ASP A 9  ? 0.0665 0.0486 0.0877 0.0057  -0.0080 -0.0049 9   ASP A OD2 
72  N N   . GLY A 10 ? 0.0806 0.0559 0.0772 0.0074  -0.0118 -0.0027 10  GLY A N   
73  C CA  . GLY A 10 ? 0.0757 0.0588 0.0952 -0.0004 -0.0103 -0.0052 10  GLY A CA  
74  C C   . GLY A 10 ? 0.0722 0.0603 0.0913 -0.0044 -0.0093 -0.0028 10  GLY A C   
75  O O   . GLY A 10 ? 0.0794 0.0785 0.1167 -0.0204 0.0045  -0.0147 10  GLY A O   
76  N N   . GLN A 11 ? 0.0769 0.0474 0.0878 0.0013  -0.0064 -0.0109 11  GLN A N   
77  C CA  . GLN A 11 ? 0.0734 0.0532 0.0791 0.0014  -0.0022 -0.0073 11  GLN A CA  
78  C C   . GLN A 11 ? 0.0577 0.0516 0.0691 -0.0045 0.0005  -0.0065 11  GLN A C   
79  O O   . GLN A 11 ? 0.0600 0.0521 0.0716 -0.0008 0.0063  -0.0069 11  GLN A O   
80  C CB  . GLN A 11 ? 0.0824 0.0701 0.0848 0.0068  -0.0096 -0.0040 11  GLN A CB  
81  C CG  . GLN A 11 ? 0.1251 0.0782 0.1339 0.0148  -0.0149 0.0115  11  GLN A CG  
82  C CD  . GLN A 11 ? 0.1825 0.1389 0.1316 0.0123  -0.0194 -0.0064 11  GLN A CD  
83  O OE1 . GLN A 11 ? 0.1948 0.1605 0.2456 0.0248  -0.0227 0.0107  11  GLN A OE1 
84  N NE2 . GLN A 11 ? 0.2039 0.1454 0.1732 0.0371  0.0090  -0.0106 11  GLN A NE2 
85  N N   . ALA A 12 ? 0.0579 0.0495 0.0621 -0.0049 0.0026  -0.0006 12  ALA A N   
86  C CA  . ALA A 12 ? 0.0537 0.0512 0.0600 -0.0029 0.0004  0.0003  12  ALA A CA  
87  C C   . ALA A 12 ? 0.0444 0.0472 0.0507 0.0009  0.0053  0.0036  12  ALA A C   
88  O O   . ALA A 12 ? 0.0536 0.0489 0.0514 0.0032  0.0021  0.0027  12  ALA A O   
89  C CB  . ALA A 12 ? 0.0500 0.0655 0.0813 -0.0017 0.0015  0.0014  12  ALA A CB  
90  N N   . TYR A 13 ? 0.0457 0.0425 0.0489 0.0021  0.0011  0.0014  13  TYR A N   
91  C CA  . TYR A 13 ? 0.0464 0.0457 0.0476 -0.0006 0.0048  0.0023  13  TYR A CA  
92  C C   . TYR A 13 ? 0.0374 0.0450 0.0388 -0.0025 0.0037  0.0052  13  TYR A C   
93  O O   . TYR A 13 ? 0.0419 0.0465 0.0495 -0.0002 -0.0031 0.0010  13  TYR A O   
94  C CB  . TYR A 13 ? 0.0499 0.0457 0.0529 -0.0001 0.0082  -0.0044 13  TYR A CB  
95  C CG  . TYR A 13 ? 0.0485 0.0496 0.0516 0.0012  0.0079  0.0004  13  TYR A CG  
96  C CD1 . TYR A 13 ? 0.0517 0.0529 0.0493 0.0024  0.0059  -0.0023 13  TYR A CD1 
97  C CD2 . TYR A 13 ? 0.0510 0.0489 0.0533 0.0013  0.0056  0.0008  13  TYR A CD2 
98  C CE1 . TYR A 13 ? 0.0596 0.0514 0.0561 0.0030  0.0031  -0.0014 13  TYR A CE1 
99  C CE2 . TYR A 13 ? 0.0571 0.0538 0.0611 0.0058  0.0011  0.0032  13  TYR A CE2 
100 C CZ  . TYR A 13 ? 0.0610 0.0501 0.0591 0.0115  0.0013  0.0029  13  TYR A CZ  
101 O OH  . TYR A 13 ? 0.0669 0.0533 0.0790 0.0157  -0.0100 -0.0031 13  TYR A OH  
102 N N   . VAL A 14 ? 0.0437 0.0432 0.0414 -0.0002 0.0011  0.0036  14  VAL A N   
103 C CA  . VAL A 14 ? 0.0514 0.0425 0.0427 -0.0030 0.0032  0.0019  14  VAL A CA  
104 C C   . VAL A 14 ? 0.0464 0.0469 0.0426 0.0008  0.0020  0.0090  14  VAL A C   
105 O O   . VAL A 14 ? 0.0456 0.0480 0.0505 -0.0004 0.0015  0.0093  14  VAL A O   
106 C CB  . VAL A 14 ? 0.0616 0.0555 0.0447 -0.0020 0.0093  0.0041  14  VAL A CB  
107 C CG1 . VAL A 14 ? 0.0651 0.0668 0.0782 -0.0063 0.0166  0.0059  14  VAL A CG1 
108 C CG2 . VAL A 14 ? 0.0816 0.0675 0.0474 -0.0020 -0.0024 0.0000  14  VAL A CG2 
109 N N   . ARG A 15 ? 0.0435 0.0471 0.0459 -0.0009 0.0001  0.0103  15  ARG A N   
110 C CA  . ARG A 15 ? 0.0482 0.0441 0.0507 -0.0034 0.0030  0.0057  15  ARG A CA  
111 C C   . ARG A 15 ? 0.0459 0.0474 0.0492 0.0010  0.0007  0.0040  15  ARG A C   
112 O O   . ARG A 15 ? 0.0463 0.0545 0.0568 -0.0021 0.0009  -0.0076 15  ARG A O   
113 C CB  . ARG A 15 ? 0.0579 0.0552 0.0507 -0.0030 0.0075  0.0125  15  ARG A CB  
114 C CG  . ARG A 15 ? 0.0632 0.0492 0.0594 -0.0021 0.0109  0.0170  15  ARG A CG  
115 C CD  . ARG A 15 ? 0.0687 0.0602 0.0524 -0.0022 0.0130  0.0117  15  ARG A CD  
116 N NE  . ARG A 15 ? 0.0756 0.0650 0.0487 -0.0014 0.0193  0.0107  15  ARG A NE  
117 C CZ  . ARG A 15 ? 0.0690 0.0648 0.0653 -0.0009 0.0089  0.0007  15  ARG A CZ  
118 N NH1 . ARG A 15 ? 0.0776 0.0659 0.0729 0.0052  0.0094  0.0047  15  ARG A NH1 
119 N NH2 . ARG A 15 ? 0.0741 0.0775 0.0844 -0.0025 0.0193  0.0032  15  ARG A NH2 
120 N N   . LYS A 16 ? 0.0473 0.0571 0.0538 -0.0003 -0.0028 -0.0044 16  LYS A N   
121 C CA  . LYS A 16 ? 0.0559 0.0601 0.0589 0.0027  -0.0071 -0.0088 16  LYS A CA  
122 C C   . LYS A 16 ? 0.0545 0.0588 0.0676 0.0025  -0.0093 -0.0112 16  LYS A C   
123 O O   . LYS A 16 ? 0.0463 0.0586 0.0738 -0.0006 -0.0018 -0.0083 16  LYS A O   
124 C CB  . LYS A 16 ? 0.0732 0.0616 0.0688 0.0069  -0.0080 -0.0011 16  LYS A CB  
125 C CG  . LYS A 16 ? 0.0906 0.0697 0.0755 0.0062  -0.0126 -0.0081 16  LYS A CG  
126 C CD  . LYS A 16 ? 0.1233 0.0865 0.0763 0.0150  -0.0017 -0.0053 16  LYS A CD  
127 C CE  . LYS A 16 ? 0.1570 0.1039 0.1107 0.0123  -0.0257 -0.0213 16  LYS A CE  
128 N NZ  . LYS A 16 ? 0.1920 0.1354 0.1211 0.0201  -0.0398 -0.0020 16  LYS A NZ  
129 N N   . ASP A 17 ? 0.0569 0.0659 0.0866 -0.0035 -0.0079 -0.0173 17  ASP A N   
130 C CA  . ASP A 17 ? 0.0567 0.0791 0.1044 -0.0028 -0.0073 -0.0146 17  ASP A CA  
131 C C   . ASP A 17 ? 0.0541 0.0718 0.1051 -0.0095 0.0011  -0.0032 17  ASP A C   
132 O O   . ASP A 17 ? 0.0562 0.0884 0.1294 -0.0048 0.0014  -0.0134 17  ASP A O   
133 C CB  . ASP A 17 ? 0.0728 0.0903 0.1036 0.0020  -0.0093 -0.0129 17  ASP A CB  
134 C CG  . ASP A 17 ? 0.0970 0.0984 0.1063 0.0074  -0.0140 -0.0196 17  ASP A CG  
135 O OD1 . ASP A 17 ? 0.1156 0.0989 0.1353 0.0082  0.0096  -0.0173 17  ASP A OD1 
136 O OD2 . ASP A 17 ? 0.1986 0.1278 0.1366 0.0342  -0.0376 0.0014  17  ASP A OD2 
137 N N   . GLY A 18 ? 0.0615 0.0660 0.1064 -0.0069 -0.0012 -0.0007 18  GLY A N   
138 C CA  . GLY A 18 ? 0.0523 0.0707 0.0999 -0.0218 0.0044  0.0115  18  GLY A CA  
139 C C   . GLY A 18 ? 0.0557 0.0764 0.0902 -0.0085 0.0007  0.0045  18  GLY A C   
140 O O   . GLY A 18 ? 0.0873 0.0879 0.0880 -0.0067 0.0180  0.0095  18  GLY A O   
141 N N   . GLU A 19 ? 0.0567 0.0559 0.0886 -0.0006 -0.0008 0.0024  19  GLU A N   
142 C CA  . GLU A 19 ? 0.0549 0.0558 0.0956 0.0009  -0.0004 -0.0012 19  GLU A CA  
143 C C   . GLU A 19 ? 0.0574 0.0507 0.0594 -0.0008 0.0003  0.0028  19  GLU A C   
144 O O   . GLU A 19 ? 0.0594 0.0529 0.0724 0.0007  0.0008  -0.0019 19  GLU A O   
145 C CB  . GLU A 19 ? 0.0748 0.0606 0.1379 0.0042  -0.0333 -0.0026 19  GLU A CB  
146 C CG  . GLU A 19 ? 0.0799 0.1162 0.1707 -0.0117 -0.0191 0.0006  19  GLU A CG  
147 C CD  . GLU A 19 ? 0.0898 0.1498 0.1778 -0.0495 -0.0459 -0.0207 19  GLU A CD  
148 O OE1 . GLU A 19 ? 0.1195 0.1296 0.2025 -0.0266 -0.0408 0.0000  19  GLU A OE1 
149 O OE2 . GLU A 19 ? 0.1127 0.2519 0.2270 -0.0734 -0.0559 0.0146  19  GLU A OE2 
150 N N   . TRP A 20 ? 0.0570 0.0520 0.0492 -0.0061 0.0081  0.0023  20  TRP A N   
151 C CA  . TRP A 20 ? 0.0575 0.0523 0.0451 -0.0061 0.0099  0.0026  20  TRP A CA  
152 C C   . TRP A 20 ? 0.0557 0.0538 0.0444 -0.0019 0.0097  0.0015  20  TRP A C   
153 O O   . TRP A 20 ? 0.0605 0.0646 0.0621 0.0060  0.0083  0.0006  20  TRP A O   
154 C CB  . TRP A 20 ? 0.0631 0.0494 0.0494 -0.0143 0.0099  0.0025  20  TRP A CB  
155 C CG  . TRP A 20 ? 0.0835 0.0516 0.0475 -0.0168 0.0041  0.0002  20  TRP A CG  
156 C CD1 . TRP A 20 ? 0.0930 0.0620 0.0557 -0.0165 0.0143  -0.0056 20  TRP A CD1 
157 C CD2 . TRP A 20 ? 0.0891 0.0563 0.0526 -0.0160 -0.0093 0.0015  20  TRP A CD2 
158 N NE1 . TRP A 20 ? 0.1229 0.0753 0.0661 -0.0224 -0.0057 0.0006  20  TRP A NE1 
159 C CE2 . TRP A 20 ? 0.1177 0.0699 0.0553 -0.0265 -0.0080 0.0080  20  TRP A CE2 
160 C CE3 . TRP A 20 ? 0.0794 0.0551 0.0623 -0.0123 -0.0138 0.0048  20  TRP A CE3 
161 C CZ2 . TRP A 20 ? 0.1202 0.0969 0.0653 -0.0288 -0.0159 0.0203  20  TRP A CZ2 
162 C CZ3 . TRP A 20 ? 0.0801 0.0767 0.0843 -0.0155 -0.0269 0.0103  20  TRP A CZ3 
163 C CH2 . TRP A 20 ? 0.0994 0.0884 0.0856 -0.0202 -0.0266 0.0160  20  TRP A CH2 
164 N N   . VAL A 21 ? 0.0454 0.0480 0.0392 -0.0030 0.0035  0.0050  21  VAL A N   
165 C CA  . VAL A 21 ? 0.0486 0.0495 0.0411 -0.0008 0.0001  0.0062  21  VAL A CA  
166 C C   . VAL A 21 ? 0.0472 0.0500 0.0420 -0.0017 -0.0033 0.0036  21  VAL A C   
167 O O   . VAL A 21 ? 0.0445 0.0516 0.0470 -0.0018 -0.0008 0.0047  21  VAL A O   
168 C CB  . VAL A 21 ? 0.0564 0.0542 0.0500 -0.0010 -0.0015 -0.0002 21  VAL A CB  
169 C CG1 . VAL A 21 ? 0.0773 0.0664 0.0501 -0.0032 -0.0005 0.0027  21  VAL A CG1 
170 C CG2 . VAL A 21 ? 0.0502 0.0499 0.0715 0.0034  -0.0069 0.0011  21  VAL A CG2 
171 N N   . LEU A 22 ? 0.0512 0.0540 0.0444 0.0001  0.0002  0.0085  22  LEU A N   
172 C CA  . LEU A 22 ? 0.0538 0.0570 0.0474 -0.0013 0.0035  0.0088  22  LEU A CA  
173 C C   . LEU A 22 ? 0.0498 0.0597 0.0416 -0.0056 0.0043  0.0100  22  LEU A C   
174 O O   . LEU A 22 ? 0.0571 0.0784 0.0500 -0.0080 0.0001  -0.0003 22  LEU A O   
175 C CB  . LEU A 22 ? 0.0609 0.0627 0.0602 0.0014  0.0017  0.0152  22  LEU A CB  
176 C CG  . LEU A 22 ? 0.0659 0.0607 0.0767 0.0053  -0.0030 0.0100  22  LEU A CG  
177 C CD1 . LEU A 22 ? 0.0876 0.0646 0.0998 0.0106  -0.0118 0.0184  22  LEU A CD1 
178 C CD2 . LEU A 22 ? 0.0729 0.0650 0.0787 0.0035  -0.0017 0.0027  22  LEU A CD2 
179 N N   . LEU A 23 ? 0.0477 0.0626 0.0409 -0.0024 0.0070  0.0080  23  LEU A N   
180 C CA  . LEU A 23 ? 0.0560 0.0661 0.0488 0.0034  0.0122  0.0081  23  LEU A CA  
181 C C   . LEU A 23 ? 0.0657 0.0796 0.0466 0.0015  0.0106  0.0081  23  LEU A C   
182 O O   . LEU A 23 ? 0.0655 0.0979 0.0463 0.0062  0.0143  0.0052  23  LEU A O   
183 C CB  . LEU A 23 ? 0.0568 0.0648 0.0551 0.0000  0.0117  0.0061  23  LEU A CB  
184 C CG  . LEU A 23 ? 0.0559 0.0705 0.0643 0.0039  0.0117  0.0086  23  LEU A CG  
185 C CD1 . LEU A 23 ? 0.0695 0.0737 0.0761 0.0048  0.0154  0.0014  23  LEU A CD1 
186 C CD2 . LEU A 23 ? 0.0611 0.0796 0.0767 0.0024  0.0028  0.0092  23  LEU A CD2 
187 N N   . SER A 24 ? 0.0720 0.0803 0.0529 -0.0005 0.0123  0.0163  24  SER A N   
188 C CA  . SER A 24 ? 0.0922 0.0980 0.0570 0.0027  0.0142  0.0239  24  SER A CA  
189 C C   . SER A 24 ? 0.0963 0.1026 0.0567 0.0086  0.0111  0.0208  24  SER A C   
190 O O   . SER A 24 ? 0.1399 0.1301 0.0489 0.0104  0.0019  0.0208  24  SER A O   
191 C CB  . SER A 24 ? 0.1199 0.0948 0.0728 -0.0005 0.0162  0.0277  24  SER A CB  
192 O OG  . SER A 24 ? 0.1235 0.0969 0.0875 0.0145  0.0182  0.0252  24  SER A OG  
193 N N   . THR A 25 ? 0.0811 0.1077 0.0635 0.0081  0.0010  0.0105  25  THR A N   
194 C CA  . THR A 25 ? 0.0977 0.1441 0.0639 0.0092  -0.0069 -0.0051 25  THR A CA  
195 C C   . THR A 25 ? 0.1079 0.1240 0.0520 0.0065  -0.0107 -0.0005 25  THR A C   
196 O O   . THR A 25 ? 0.1479 0.1591 0.0576 0.0257  -0.0275 -0.0145 25  THR A O   
197 C CB  . THR A 25 ? 0.0989 0.1644 0.0957 -0.0245 -0.0109 -0.0222 25  THR A CB  
198 O OG1 . THR A 25 ? 0.1207 0.1615 0.0985 -0.0105 0.0059  -0.0049 25  THR A OG1 
199 C CG2 . THR A 25 ? 0.1191 0.1748 0.0895 -0.0231 -0.0217 -0.0247 25  THR A CG2 
200 N N   . PHE A 26 ? 0.0958 0.1060 0.0568 0.0044  0.0058  0.0059  26  PHE A N   
201 C CA  . PHE A 26 ? 0.1169 0.1097 0.0709 0.0102  0.0161  0.0042  26  PHE A CA  
202 C C   . PHE A 26 ? 0.1265 0.1205 0.0688 0.0103  0.0280  0.0003  26  PHE A C   
203 O O   . PHE A 26 ? 0.1403 0.1368 0.0904 0.0182  0.0314  -0.0139 26  PHE A O   
204 C CB  . PHE A 26 ? 0.1214 0.1149 0.0732 0.0034  0.0158  0.0101  26  PHE A CB  
205 C CG  . PHE A 26 ? 0.1123 0.1147 0.1059 0.0005  0.0116  0.0130  26  PHE A CG  
206 C CD1 . PHE A 26 ? 0.1113 0.1188 0.0941 -0.0038 -0.0013 0.0187  26  PHE A CD1 
207 C CD2 . PHE A 26 ? 0.1363 0.1263 0.1421 -0.0083 0.0165  -0.0147 26  PHE A CD2 
208 C CE1 . PHE A 26 ? 0.1130 0.1137 0.1225 0.0005  0.0067  0.0270  26  PHE A CE1 
209 C CE2 . PHE A 26 ? 0.1466 0.1179 0.1934 -0.0136 0.0332  -0.0139 26  PHE A CE2 
210 C CZ  . PHE A 26 ? 0.1327 0.1104 0.1656 -0.0090 0.0109  0.0088  26  PHE A CZ  
211 N N   . LEU A 27 ? 0.1271 0.1150 0.0767 0.0241  0.0486  -0.0004 27  LEU A N   
212 C CA  . LEU A 27 ? 0.1494 0.1441 0.0894 0.0023  0.0500  0.0105  27  LEU A CA  
213 C C   . LEU A 27 ? 0.1655 0.1465 0.1086 0.0106  0.0547  0.0203  27  LEU A C   
214 O O   . LEU A 27 ? 0.1832 0.1995 0.1376 0.0336  0.0484  0.0405  27  LEU A O   
215 C CB  . LEU A 27 ? 0.1386 0.1482 0.1018 -0.0079 0.0493  0.0092  27  LEU A CB  
216 C CG  . LEU A 27 ? 0.1308 0.1593 0.0972 -0.0167 0.0374  0.0040  27  LEU A CG  
217 C CD1 . LEU A 27 ? 0.0894 0.1865 0.0942 -0.0460 0.0529  0.0030  27  LEU A CD1 
218 C CD2 . LEU A 27 ? 0.1478 0.1716 0.1213 0.0001  0.0321  0.0003  27  LEU A CD2 
219 O OXT . LEU A 27 ? 0.1983 0.1748 0.1133 0.0112  0.0786  0.0206  27  LEU A OXT 
220 O O   . HOH B .  ? 0.0634 0.0670 0.0931 0.0002  -0.0017 -0.0014 101 HOH A O   
221 O O   . HOH B .  ? 0.1015 0.1118 0.0941 0.0443  0.0197  -0.0265 102 HOH A O   
222 O O   . HOH B .  ? 0.0848 0.0700 0.0710 -0.0003 0.0101  0.0049  103 HOH A O   
223 O O   . HOH B .  ? 0.0507 0.0620 0.0699 0.0142  -0.0147 0.0000  104 HOH A O   
224 O O   . HOH B .  ? 0.0944 0.0554 0.0798 0.0217  -0.0086 -0.0038 105 HOH A O   
225 O O   . HOH B .  ? 0.1070 0.1044 0.1148 0.0295  -0.0222 -0.0293 106 HOH A O   
226 O O   . HOH B .  ? 0.1123 0.1152 0.1666 0.0050  -0.0011 -0.0257 107 HOH A O   
227 O O   . HOH B .  ? 0.1089 0.0676 0.1113 0.0065  0.0429  0.0109  108 HOH A O   
228 O O   . HOH B .  ? 0.1077 0.1000 0.1136 -0.0076 -0.0069 0.0057  109 HOH A O   
229 O O   . HOH B .  ? 0.1411 0.1445 0.2680 0.0144  0.0531  0.1283  110 HOH A O   
230 O O   . HOH B .  ? 0.1256 0.1625 0.3532 0.0211  0.0437  -0.0931 111 HOH A O   
231 O O   . HOH B .  ? 0.1827 0.1293 0.2352 0.0474  -0.1098 -0.0705 112 HOH A O   
232 O O   . HOH B .  ? 0.1463 0.1152 0.1870 0.0141  0.0483  -0.0051 113 HOH A O   
233 O O   . HOH B .  ? 0.2023 0.1292 0.2371 0.0380  -0.0799 -0.0527 114 HOH A O   
234 O O   . HOH B .  ? 0.1649 0.1649 0.2525 0.0186  -0.0142 -0.0447 115 HOH A O   
235 O O   . HOH B .  ? 0.1917 0.1945 0.1765 0.0549  0.0699  -0.0191 116 HOH A O   
236 O O   . HOH B .  ? 0.3930 0.3901 0.5129 -0.0067 -0.0586 -0.1111 117 HOH A O   
237 O O   . HOH B .  ? 0.2562 0.2505 0.2618 -0.0315 0.1001  0.0524  118 HOH A O   
238 O O   . HOH B .  ? 0.1767 0.2304 0.1634 0.0125  -0.0302 -0.0180 119 HOH A O   
239 O O   . HOH B .  ? 0.1853 0.3292 0.1258 0.0448  -0.0174 -0.0110 120 HOH A O   
240 O O   . HOH B .  ? 0.2039 0.1666 0.1720 -0.0169 0.0337  0.0060  121 HOH A O   
241 O O   . HOH B .  ? 0.1322 0.1640 0.3262 -0.0119 -0.0153 -0.0258 122 HOH A O   
242 O O   . HOH B .  ? 0.3221 0.2494 0.2440 0.0625  -0.1713 -0.0863 123 HOH A O   
243 O O   . HOH B .  ? 0.1754 0.2295 0.2106 0.0218  0.0586  0.0008  124 HOH A O   
244 O O   . HOH B .  ? 0.1921 0.2377 0.3756 -0.0039 0.0165  -0.0328 125 HOH A O   
245 O O   . HOH B .  ? 0.3073 0.4427 0.2386 0.0523  -0.1180 -0.1142 126 HOH A O   
246 O O   . HOH B .  ? 0.2208 0.3444 0.4109 0.0132  0.0474  0.0121  127 HOH A O   
247 O O   . HOH B .  ? 0.4220 0.1165 0.3207 0.1069  0.1276  0.0401  128 HOH A O   
248 O O   . HOH B .  ? 0.2318 0.2542 0.3124 0.0128  -0.0603 -0.0375 129 HOH A O   
249 O O   . HOH B .  ? 0.1356 0.4441 0.2593 -0.1306 -0.0806 0.0041  130 HOH A O   
250 O O   . HOH B .  ? 0.2950 0.1951 0.2407 0.0233  0.0310  0.0696  131 HOH A O   
251 O O   . HOH B .  ? 0.3531 0.1189 0.2748 0.0819  0.1025  0.0185  132 HOH A O   
252 O O   . HOH B .  ? 0.4365 0.2626 0.3595 0.0454  -0.0015 0.0551  133 HOH A O   
253 O O   . HOH B .  ? 0.3753 0.2471 0.3505 0.0488  0.1045  0.0090  134 HOH A O   
254 O O   . HOH B .  ? 0.3569 0.3913 0.2698 0.1174  -0.0716 -0.1356 135 HOH A O   
255 O O   . HOH B .  ? 0.3499 0.4358 0.3668 0.0804  0.1363  -0.0961 136 HOH A O   
256 O O   . HOH B .  ? 0.3356 0.4770 0.2193 0.0589  0.0057  -0.0876 137 HOH A O   
257 O O   . HOH B .  ? 0.3998 0.3294 0.2505 0.1229  0.1463  0.0098  138 HOH A O   
258 O O   . HOH B .  ? 0.3325 0.4731 0.2612 0.0115  -0.0235 0.0968  139 HOH A O   
259 O O   . HOH B .  ? 0.2405 0.4105 0.3005 0.0656  -0.0906 0.0099  140 HOH A O   
260 O O   . HOH B .  ? 0.7046 0.4100 0.3036 -0.1648 -0.1479 0.1396  141 HOH A O   
261 O O   . HOH B .  ? 0.2565 0.2676 0.4656 0.0431  0.1094  -0.0299 142 HOH A O   
262 O O   . HOH B .  ? 0.2791 0.3707 0.3488 0.0217  0.0479  0.0571  143 HOH A O   
263 O O   . HOH B .  ? 0.2783 0.5051 0.4768 0.0151  -0.0144 -0.0363 144 HOH A O   
264 O O   . HOH B .  ? 0.3750 0.5018 0.2234 -0.0800 -0.0219 -0.0029 145 HOH A O   
265 O O   . HOH B .  ? 0.3187 0.3736 0.3111 0.0152  -0.0481 -0.0947 146 HOH A O   
266 O O   . HOH B .  ? 0.2982 0.5432 0.6727 -0.0777 0.0818  0.0068  147 HOH A O   
267 O O   . HOH B .  ? 0.5721 0.2816 0.3610 -0.0008 -0.1896 -0.0146 148 HOH A O   
268 O O   . HOH B .  ? 0.3821 0.3843 0.1916 0.0413  0.0754  0.0838  149 HOH A O   
269 O O   . HOH B .  ? 0.3224 0.4049 0.4191 0.0300  0.0469  0.1424  150 HOH A O   
270 O O   . HOH B .  ? 0.4777 0.4608 0.3189 0.0748  0.0340  0.1499  151 HOH A O   
271 O O   . HOH B .  ? 0.2604 0.4339 0.9401 -0.2357 0.1068  0.0395  152 HOH A O   
272 O O   . HOH B .  ? 0.6431 0.5781 0.3161 -0.0792 -0.1739 0.0326  153 HOH A O   
273 O O   . HOH B .  ? 0.4662 0.4906 0.2564 0.0220  -0.1062 0.0447  154 HOH A O   
274 O O   . HOH B .  ? 0.4194 0.4014 0.3954 0.0868  0.0552  0.1582  155 HOH A O   
275 O O   . HOH B .  ? 0.3468 0.2938 0.3838 0.0388  0.1347  0.0773  156 HOH A O   
276 O O   . HOH B .  ? 0.5554 0.5932 0.4171 -0.0528 -0.2202 -0.0243 157 HOH A O   
277 O O   . HOH B .  ? 0.6579 0.3755 0.5303 0.0090  0.2464  0.1213  158 HOH A O   
278 O O   . HOH B .  ? 0.6059 0.9540 0.3486 0.1805  0.0321  -0.2866 159 HOH A O   
279 O O   . HOH B .  ? 0.7958 0.5199 0.5845 0.0994  -0.0684 0.0540  160 HOH A O   
280 O O   . HOH B .  ? 0.4817 0.3272 0.6330 0.0079  0.0277  0.0229  161 HOH A O   
281 O O   . HOH B .  ? 0.3985 0.3704 0.2584 -0.0379 0.0169  -0.0070 162 HOH A O   
282 O O   . HOH B .  ? 0.3397 0.3530 0.2655 0.0187  -0.0221 -0.0300 163 HOH A O   
283 O O   . HOH B .  ? 0.5602 0.7244 0.8555 0.0136  -0.0076 -0.1895 164 HOH A O   
284 O O   . HOH B .  ? 0.6006 0.5870 0.3388 -0.0555 -0.0008 0.2448  165 HOH A O   
285 O O   . HOH B .  ? 1.1354 1.0691 0.9262 0.1925  0.0925  -0.2657 166 HOH A O   
286 O O   . HOH B .  ? 0.8048 0.7001 0.3522 -0.1374 0.1867  -0.1262 167 HOH A O   
287 O O   . HOH B .  ? 0.8632 0.5900 0.3081 0.1449  -0.0535 0.1014  168 HOH A O   
288 O O   . HOH B .  ? 0.3739 0.2469 0.3099 0.0558  0.0033  0.0144  169 HOH A O   
# 
loop_
_pdbx_poly_seq_scheme.asym_id 
_pdbx_poly_seq_scheme.entity_id 
_pdbx_poly_seq_scheme.seq_id 
_pdbx_poly_seq_scheme.mon_id 
_pdbx_poly_seq_scheme.ndb_seq_num 
_pdbx_poly_seq_scheme.pdb_seq_num 
_pdbx_poly_seq_scheme.auth_seq_num 
_pdbx_poly_seq_scheme.pdb_mon_id 
_pdbx_poly_seq_scheme.auth_mon_id 
_pdbx_poly_seq_scheme.pdb_strand_id 
_pdbx_poly_seq_scheme.pdb_ins_code 
_pdbx_poly_seq_scheme.hetero 
A 1 1  GLY 1  1  1  GLY GLY A . n 
A 1 2  TYR 2  2  2  TYR TYR A . n 
A 1 3  ILE 3  3  3  ILE ILE A . n 
A 1 4  PRO 4  4  4  PRO PRO A . n 
A 1 5  GLU 5  5  5  GLU GLU A . n 
A 1 6  ALA 6  6  6  ALA ALA A . n 
A 1 7  PRO 7  7  7  PRO PRO A . n 
A 1 8  ARG 8  8  8  ARG ARG A . n 
A 1 9  ASP 9  9  9  ASP ASP A . n 
A 1 10 GLY 10 10 10 GLY GLY A . n 
A 1 11 GLN 11 11 11 GLN GLN A . n 
A 1 12 ALA 12 12 12 ALA ALA A . n 
A 1 13 TYR 13 13 13 TYR TYR A . n 
A 1 14 VAL 14 14 14 VAL VAL A . n 
A 1 15 ARG 15 15 15 ARG ARG A . n 
A 1 16 LYS 16 16 16 LYS LYS A . n 
A 1 17 ASP 17 17 17 ASP ASP A . n 
A 1 18 GLY 18 18 18 GLY GLY A . n 
A 1 19 GLU 19 19 19 GLU GLU A . n 
A 1 20 TRP 20 20 20 TRP TRP A . n 
A 1 21 VAL 21 21 21 VAL VAL A . n 
A 1 22 LEU 22 22 22 LEU LEU A . n 
A 1 23 LEU 23 23 23 LEU LEU A . n 
A 1 24 SER 24 24 24 SER SER A . n 
A 1 25 THR 25 25 25 THR THR A . n 
A 1 26 PHE 26 26 26 PHE PHE A . n 
A 1 27 LEU 27 27 27 LEU LEU A . n 
# 
loop_
_pdbx_nonpoly_scheme.asym_id 
_pdbx_nonpoly_scheme.entity_id 
_pdbx_nonpoly_scheme.mon_id 
_pdbx_nonpoly_scheme.ndb_seq_num 
_pdbx_nonpoly_scheme.pdb_seq_num 
_pdbx_nonpoly_scheme.auth_seq_num 
_pdbx_nonpoly_scheme.pdb_mon_id 
_pdbx_nonpoly_scheme.auth_mon_id 
_pdbx_nonpoly_scheme.pdb_strand_id 
_pdbx_nonpoly_scheme.pdb_ins_code 
B 2 HOH 1  101 1  HOH HOH A . 
B 2 HOH 2  102 2  HOH HOH A . 
B 2 HOH 3  103 3  HOH HOH A . 
B 2 HOH 4  104 4  HOH HOH A . 
B 2 HOH 5  105 5  HOH HOH A . 
B 2 HOH 6  106 6  HOH HOH A . 
B 2 HOH 7  107 7  HOH HOH A . 
B 2 HOH 8  108 8  HOH HOH A . 
B 2 HOH 9  109 9  HOH HOH A . 
B 2 HOH 10 110 10 HOH HOH A . 
B 2 HOH 11 111 12 HOH HOH A . 
B 2 HOH 12 112 13 HOH HOH A . 
B 2 HOH 13 113 14 HOH HOH A . 
B 2 HOH 14 114 15 HOH HOH A . 
B 2 HOH 15 115 16 HOH HOH A . 
B 2 HOH 16 116 17 HOH HOH A . 
B 2 HOH 17 117 18 HOH HOH A . 
B 2 HOH 18 118 19 HOH HOH A . 
B 2 HOH 19 119 20 HOH HOH A . 
B 2 HOH 20 120 21 HOH HOH A . 
B 2 HOH 21 121 22 HOH HOH A . 
B 2 HOH 22 122 23 HOH HOH A . 
B 2 HOH 23 123 24 HOH HOH A . 
B 2 HOH 24 124 25 HOH HOH A . 
B 2 HOH 25 125 26 HOH HOH A . 
B 2 HOH 26 126 27 HOH HOH A . 
B 2 HOH 27 127 28 HOH HOH A . 
B 2 HOH 28 128 29 HOH HOH A . 
B 2 HOH 29 129 30 HOH HOH A . 
B 2 HOH 30 130 31 HOH HOH A . 
B 2 HOH 31 131 32 HOH HOH A . 
B 2 HOH 32 132 33 HOH HOH A . 
B 2 HOH 33 133 34 HOH HOH A . 
B 2 HOH 34 134 35 HOH HOH A . 
B 2 HOH 35 135 36 HOH HOH A . 
B 2 HOH 36 136 37 HOH HOH A . 
B 2 HOH 37 137 38 HOH HOH A . 
B 2 HOH 38 138 39 HOH HOH A . 
B 2 HOH 39 139 40 HOH HOH A . 
B 2 HOH 40 140 41 HOH HOH A . 
B 2 HOH 41 141 42 HOH HOH A . 
B 2 HOH 42 142 43 HOH HOH A . 
B 2 HOH 43 143 44 HOH HOH A . 
B 2 HOH 44 144 45 HOH HOH A . 
B 2 HOH 45 145 46 HOH HOH A . 
B 2 HOH 46 146 47 HOH HOH A . 
B 2 HOH 47 147 48 HOH HOH A . 
B 2 HOH 48 148 49 HOH HOH A . 
B 2 HOH 49 149 50 HOH HOH A . 
B 2 HOH 50 150 51 HOH HOH A . 
B 2 HOH 51 151 52 HOH HOH A . 
B 2 HOH 52 152 53 HOH HOH A . 
B 2 HOH 53 153 54 HOH HOH A . 
B 2 HOH 54 154 55 HOH HOH A . 
B 2 HOH 55 155 56 HOH HOH A . 
B 2 HOH 56 156 57 HOH HOH A . 
B 2 HOH 57 157 58 HOH HOH A . 
B 2 HOH 58 158 59 HOH HOH A . 
B 2 HOH 59 159 60 HOH HOH A . 
B 2 HOH 60 160 61 HOH HOH A . 
B 2 HOH 61 161 62 HOH HOH A . 
B 2 HOH 62 162 63 HOH HOH A . 
B 2 HOH 63 163 64 HOH HOH A . 
B 2 HOH 64 164 65 HOH HOH A . 
B 2 HOH 65 165 66 HOH HOH A . 
B 2 HOH 66 166 67 HOH HOH A . 
B 2 HOH 67 167 68 HOH HOH A . 
B 2 HOH 68 168 69 HOH HOH A . 
B 2 HOH 69 169 70 HOH HOH A . 
# 
_pdbx_struct_assembly.id                   1 
_pdbx_struct_assembly.details              author_and_software_defined_assembly 
_pdbx_struct_assembly.method_details       PISA 
_pdbx_struct_assembly.oligomeric_details   trimeric 
_pdbx_struct_assembly.oligomeric_count     3 
# 
_pdbx_struct_assembly_gen.assembly_id       1 
_pdbx_struct_assembly_gen.oper_expression   1,2,3 
_pdbx_struct_assembly_gen.asym_id_list      A,B 
# 
loop_
_pdbx_struct_assembly_prop.biol_id 
_pdbx_struct_assembly_prop.type 
_pdbx_struct_assembly_prop.value 
_pdbx_struct_assembly_prop.details 
1 'ABSA (A^2)' 3050 ? 
1 MORE         -22  ? 
1 'SSA (A^2)'  4490 ? 
# 
loop_
_pdbx_struct_oper_list.id 
_pdbx_struct_oper_list.type 
_pdbx_struct_oper_list.name 
_pdbx_struct_oper_list.symmetry_operation 
_pdbx_struct_oper_list.matrix[1][1] 
_pdbx_struct_oper_list.matrix[1][2] 
_pdbx_struct_oper_list.matrix[1][3] 
_pdbx_struct_oper_list.vector[1] 
_pdbx_struct_oper_list.matrix[2][1] 
_pdbx_struct_oper_list.matrix[2][2] 
_pdbx_struct_oper_list.matrix[2][3] 
_pdbx_struct_oper_list.vector[2] 
_pdbx_struct_oper_list.matrix[3][1] 
_pdbx_struct_oper_list.matrix[3][2] 
_pdbx_struct_oper_list.matrix[3][3] 
_pdbx_struct_oper_list.vector[3] 
1 'identity operation'         1_555 x,y,z     1.0000000000  0.0000000000  0.0000000000  0.0000000000   0.0000000000  1.0000000000  0.0000000000  0.0000000000 0.0000000000  0.0000000000  1.0000000000 0.0000000000  
2 'crystal symmetry operation' 2_555 -y,x-y,z  -0.2705805916 -0.6071569059 -0.7470921196 -5.2349317236  0.9190151150  -0.3940199270 -0.0126299469 9.5327184076 -0.2867008229 -0.6900063687 0.6646005186 0.5522059490  
3 'crystal symmetry operation' 3_555 -x+y,-x,z -0.2705805916 0.9190151150  -0.2867008229 -10.0188653264 -0.6071569059 -0.3940199270 -0.6900063687 0.9586816848 -0.7470921196 -0.0126299469 0.6646005186 -4.1575748699 
# 
loop_
_pdbx_audit_revision_history.ordinal 
_pdbx_audit_revision_history.data_content_type 
_pdbx_audit_revision_history.major_revision 
_pdbx_audit_revision_history.minor_revision 
_pdbx_audit_revision_history.revision_date 
1 'Structure model' 1 0 2014-03-05 
2 'Structure model' 1 1 2022-08-24 
3 'Structure model' 1 2 2023-09-20 
# 
_pdbx_audit_revision_details.ordinal             1 
_pdbx_audit_revision_details.revision_ordinal    1 
_pdbx_audit_revision_details.data_content_type   'Structure model' 
_pdbx_audit_revision_details.provider            repository 
_pdbx_audit_revision_details.type                'Initial release' 
_pdbx_audit_revision_details.description         ? 
_pdbx_audit_revision_details.details             ? 
# 
loop_
_pdbx_audit_revision_group.ordinal 
_pdbx_audit_revision_group.revision_ordinal 
_pdbx_audit_revision_group.data_content_type 
_pdbx_audit_revision_group.group 
1 2 'Structure model' 'Database references'    
2 3 'Structure model' 'Data collection'        
3 3 'Structure model' 'Refinement description' 
# 
loop_
_pdbx_audit_revision_category.ordinal 
_pdbx_audit_revision_category.revision_ordinal 
_pdbx_audit_revision_category.data_content_type 
_pdbx_audit_revision_category.category 
1 2 'Structure model' citation                      
2 2 'Structure model' citation_author               
3 2 'Structure model' database_2                    
4 3 'Structure model' chem_comp_atom                
5 3 'Structure model' chem_comp_bond                
6 3 'Structure model' pdbx_initial_refinement_model 
# 
loop_
_pdbx_audit_revision_item.ordinal 
_pdbx_audit_revision_item.revision_ordinal 
_pdbx_audit_revision_item.data_content_type 
_pdbx_audit_revision_item.item 
1  2 'Structure model' '_citation.country'                   
2  2 'Structure model' '_citation.journal_abbrev'            
3  2 'Structure model' '_citation.journal_id_CSD'            
4  2 'Structure model' '_citation.journal_id_ISSN'           
5  2 'Structure model' '_citation.journal_volume'            
6  2 'Structure model' '_citation.page_first'                
7  2 'Structure model' '_citation.page_last'                 
8  2 'Structure model' '_citation.pdbx_database_id_DOI'      
9  2 'Structure model' '_citation.pdbx_database_id_PubMed'   
10 2 'Structure model' '_citation.title'                     
11 2 'Structure model' '_citation.year'                      
12 2 'Structure model' '_database_2.pdbx_DOI'                
13 2 'Structure model' '_database_2.pdbx_database_accession' 
# 
_pdbx_refine_tls.pdbx_refine_id   'X-RAY DIFFRACTION' 
_pdbx_refine_tls.id               1 
_pdbx_refine_tls.details          ? 
_pdbx_refine_tls.method           refined 
_pdbx_refine_tls.origin_x         -0.0193 
_pdbx_refine_tls.origin_y         0.1355 
_pdbx_refine_tls.origin_z         0.0886 
_pdbx_refine_tls.T[1][1]          0.0038 
_pdbx_refine_tls.T[2][2]          0.0039 
_pdbx_refine_tls.T[3][3]          0.0024 
_pdbx_refine_tls.T[1][2]          0.0005 
_pdbx_refine_tls.T[1][3]          0.0013 
_pdbx_refine_tls.T[2][3]          -0.0019 
_pdbx_refine_tls.L[1][1]          0.4944 
_pdbx_refine_tls.L[2][2]          0.5408 
_pdbx_refine_tls.L[3][3]          0.0927 
_pdbx_refine_tls.L[1][2]          -0.1446 
_pdbx_refine_tls.L[1][3]          0.1821 
_pdbx_refine_tls.L[2][3]          0.0596 
_pdbx_refine_tls.S[1][1]          -0.0046 
_pdbx_refine_tls.S[1][2]          0.0064 
_pdbx_refine_tls.S[1][3]          -0.0126 
_pdbx_refine_tls.S[2][1]          0.0055 
_pdbx_refine_tls.S[2][2]          0.0158 
_pdbx_refine_tls.S[2][3]          -0.0211 
_pdbx_refine_tls.S[3][1]          -0.0003 
_pdbx_refine_tls.S[3][2]          0.0070 
_pdbx_refine_tls.S[3][3]          -0.0111 
# 
_pdbx_refine_tls_group.pdbx_refine_id      'X-RAY DIFFRACTION' 
_pdbx_refine_tls_group.id                  1 
_pdbx_refine_tls_group.refine_tls_id       1 
_pdbx_refine_tls_group.beg_auth_asym_id    A 
_pdbx_refine_tls_group.beg_auth_seq_id     1 
_pdbx_refine_tls_group.end_auth_asym_id    A 
_pdbx_refine_tls_group.end_auth_seq_id     27 
_pdbx_refine_tls_group.selection_details   ? 
_pdbx_refine_tls_group.beg_label_asym_id   . 
_pdbx_refine_tls_group.beg_label_seq_id    . 
_pdbx_refine_tls_group.end_label_asym_id   . 
_pdbx_refine_tls_group.end_label_seq_id    . 
_pdbx_refine_tls_group.selection           ? 
# 
loop_
_software.name 
_software.classification 
_software.version 
_software.citation_id 
_software.pdbx_ordinal 
XDS    'data scaling'   .        ? 1 
PHASER phasing          .        ? 2 
REFMAC refinement       5.7.0029 ? 3 
XDS    'data reduction' .        ? 4 
XSCALE 'data scaling'   .        ? 5 
# 
loop_
_pdbx_validate_symm_contact.id 
_pdbx_validate_symm_contact.PDB_model_num 
_pdbx_validate_symm_contact.auth_atom_id_1 
_pdbx_validate_symm_contact.auth_asym_id_1 
_pdbx_validate_symm_contact.auth_comp_id_1 
_pdbx_validate_symm_contact.auth_seq_id_1 
_pdbx_validate_symm_contact.PDB_ins_code_1 
_pdbx_validate_symm_contact.label_alt_id_1 
_pdbx_validate_symm_contact.site_symmetry_1 
_pdbx_validate_symm_contact.auth_atom_id_2 
_pdbx_validate_symm_contact.auth_asym_id_2 
_pdbx_validate_symm_contact.auth_comp_id_2 
_pdbx_validate_symm_contact.auth_seq_id_2 
_pdbx_validate_symm_contact.PDB_ins_code_2 
_pdbx_validate_symm_contact.label_alt_id_2 
_pdbx_validate_symm_contact.site_symmetry_2 
_pdbx_validate_symm_contact.dist 
1 1 O A HOH 117 ? ? 1_555 O A HOH 117 ? ? 2_455 1.47 
2 1 O A HOH 160 ? ? 1_555 O A HOH 160 ? ? 2_455 2.11 
3 1 O A HOH 161 ? ? 1_555 O A HOH 161 ? ? 2_565 2.15 
# 
_pdbx_validate_torsion.id              1 
_pdbx_validate_torsion.PDB_model_num   1 
_pdbx_validate_torsion.auth_comp_id    ASP 
_pdbx_validate_torsion.auth_asym_id    A 
_pdbx_validate_torsion.auth_seq_id     9 
_pdbx_validate_torsion.PDB_ins_code    ? 
_pdbx_validate_torsion.label_alt_id    ? 
_pdbx_validate_torsion.phi             -153.51 
_pdbx_validate_torsion.psi             18.17 
# 
loop_
_chem_comp_atom.comp_id 
_chem_comp_atom.atom_id 
_chem_comp_atom.type_symbol 
_chem_comp_atom.pdbx_aromatic_flag 
_chem_comp_atom.pdbx_stereo_config 
_chem_comp_atom.pdbx_ordinal 
ALA N    N N N 1   
ALA CA   C N S 2   
ALA C    C N N 3   
ALA O    O N N 4   
ALA CB   C N N 5   
ALA OXT  O N N 6   
ALA H    H N N 7   
ALA H2   H N N 8   
ALA HA   H N N 9   
ALA HB1  H N N 10  
ALA HB2  H N N 11  
ALA HB3  H N N 12  
ALA HXT  H N N 13  
ARG N    N N N 14  
ARG CA   C N S 15  
ARG C    C N N 16  
ARG O    O N N 17  
ARG CB   C N N 18  
ARG CG   C N N 19  
ARG CD   C N N 20  
ARG NE   N N N 21  
ARG CZ   C N N 22  
ARG NH1  N N N 23  
ARG NH2  N N N 24  
ARG OXT  O N N 25  
ARG H    H N N 26  
ARG H2   H N N 27  
ARG HA   H N N 28  
ARG HB2  H N N 29  
ARG HB3  H N N 30  
ARG HG2  H N N 31  
ARG HG3  H N N 32  
ARG HD2  H N N 33  
ARG HD3  H N N 34  
ARG HE   H N N 35  
ARG HH11 H N N 36  
ARG HH12 H N N 37  
ARG HH21 H N N 38  
ARG HH22 H N N 39  
ARG HXT  H N N 40  
ASP N    N N N 41  
ASP CA   C N S 42  
ASP C    C N N 43  
ASP O    O N N 44  
ASP CB   C N N 45  
ASP CG   C N N 46  
ASP OD1  O N N 47  
ASP OD2  O N N 48  
ASP OXT  O N N 49  
ASP H    H N N 50  
ASP H2   H N N 51  
ASP HA   H N N 52  
ASP HB2  H N N 53  
ASP HB3  H N N 54  
ASP HD2  H N N 55  
ASP HXT  H N N 56  
GLN N    N N N 57  
GLN CA   C N S 58  
GLN C    C N N 59  
GLN O    O N N 60  
GLN CB   C N N 61  
GLN CG   C N N 62  
GLN CD   C N N 63  
GLN OE1  O N N 64  
GLN NE2  N N N 65  
GLN OXT  O N N 66  
GLN H    H N N 67  
GLN H2   H N N 68  
GLN HA   H N N 69  
GLN HB2  H N N 70  
GLN HB3  H N N 71  
GLN HG2  H N N 72  
GLN HG3  H N N 73  
GLN HE21 H N N 74  
GLN HE22 H N N 75  
GLN HXT  H N N 76  
GLU N    N N N 77  
GLU CA   C N S 78  
GLU C    C N N 79  
GLU O    O N N 80  
GLU CB   C N N 81  
GLU CG   C N N 82  
GLU CD   C N N 83  
GLU OE1  O N N 84  
GLU OE2  O N N 85  
GLU OXT  O N N 86  
GLU H    H N N 87  
GLU H2   H N N 88  
GLU HA   H N N 89  
GLU HB2  H N N 90  
GLU HB3  H N N 91  
GLU HG2  H N N 92  
GLU HG3  H N N 93  
GLU HE2  H N N 94  
GLU HXT  H N N 95  
GLY N    N N N 96  
GLY CA   C N N 97  
GLY C    C N N 98  
GLY O    O N N 99  
GLY OXT  O N N 100 
GLY H    H N N 101 
GLY H2   H N N 102 
GLY HA2  H N N 103 
GLY HA3  H N N 104 
GLY HXT  H N N 105 
HOH O    O N N 106 
HOH H1   H N N 107 
HOH H2   H N N 108 
ILE N    N N N 109 
ILE CA   C N S 110 
ILE C    C N N 111 
ILE O    O N N 112 
ILE CB   C N S 113 
ILE CG1  C N N 114 
ILE CG2  C N N 115 
ILE CD1  C N N 116 
ILE OXT  O N N 117 
ILE H    H N N 118 
ILE H2   H N N 119 
ILE HA   H N N 120 
ILE HB   H N N 121 
ILE HG12 H N N 122 
ILE HG13 H N N 123 
ILE HG21 H N N 124 
ILE HG22 H N N 125 
ILE HG23 H N N 126 
ILE HD11 H N N 127 
ILE HD12 H N N 128 
ILE HD13 H N N 129 
ILE HXT  H N N 130 
LEU N    N N N 131 
LEU CA   C N S 132 
LEU C    C N N 133 
LEU O    O N N 134 
LEU CB   C N N 135 
LEU CG   C N N 136 
LEU CD1  C N N 137 
LEU CD2  C N N 138 
LEU OXT  O N N 139 
LEU H    H N N 140 
LEU H2   H N N 141 
LEU HA   H N N 142 
LEU HB2  H N N 143 
LEU HB3  H N N 144 
LEU HG   H N N 145 
LEU HD11 H N N 146 
LEU HD12 H N N 147 
LEU HD13 H N N 148 
LEU HD21 H N N 149 
LEU HD22 H N N 150 
LEU HD23 H N N 151 
LEU HXT  H N N 152 
LYS N    N N N 153 
LYS CA   C N S 154 
LYS C    C N N 155 
LYS O    O N N 156 
LYS CB   C N N 157 
LYS CG   C N N 158 
LYS CD   C N N 159 
LYS CE   C N N 160 
LYS NZ   N N N 161 
LYS OXT  O N N 162 
LYS H    H N N 163 
LYS H2   H N N 164 
LYS HA   H N N 165 
LYS HB2  H N N 166 
LYS HB3  H N N 167 
LYS HG2  H N N 168 
LYS HG3  H N N 169 
LYS HD2  H N N 170 
LYS HD3  H N N 171 
LYS HE2  H N N 172 
LYS HE3  H N N 173 
LYS HZ1  H N N 174 
LYS HZ2  H N N 175 
LYS HZ3  H N N 176 
LYS HXT  H N N 177 
PHE N    N N N 178 
PHE CA   C N S 179 
PHE C    C N N 180 
PHE O    O N N 181 
PHE CB   C N N 182 
PHE CG   C Y N 183 
PHE CD1  C Y N 184 
PHE CD2  C Y N 185 
PHE CE1  C Y N 186 
PHE CE2  C Y N 187 
PHE CZ   C Y N 188 
PHE OXT  O N N 189 
PHE H    H N N 190 
PHE H2   H N N 191 
PHE HA   H N N 192 
PHE HB2  H N N 193 
PHE HB3  H N N 194 
PHE HD1  H N N 195 
PHE HD2  H N N 196 
PHE HE1  H N N 197 
PHE HE2  H N N 198 
PHE HZ   H N N 199 
PHE HXT  H N N 200 
PRO N    N N N 201 
PRO CA   C N S 202 
PRO C    C N N 203 
PRO O    O N N 204 
PRO CB   C N N 205 
PRO CG   C N N 206 
PRO CD   C N N 207 
PRO OXT  O N N 208 
PRO H    H N N 209 
PRO HA   H N N 210 
PRO HB2  H N N 211 
PRO HB3  H N N 212 
PRO HG2  H N N 213 
PRO HG3  H N N 214 
PRO HD2  H N N 215 
PRO HD3  H N N 216 
PRO HXT  H N N 217 
SER N    N N N 218 
SER CA   C N S 219 
SER C    C N N 220 
SER O    O N N 221 
SER CB   C N N 222 
SER OG   O N N 223 
SER OXT  O N N 224 
SER H    H N N 225 
SER H2   H N N 226 
SER HA   H N N 227 
SER HB2  H N N 228 
SER HB3  H N N 229 
SER HG   H N N 230 
SER HXT  H N N 231 
THR N    N N N 232 
THR CA   C N S 233 
THR C    C N N 234 
THR O    O N N 235 
THR CB   C N R 236 
THR OG1  O N N 237 
THR CG2  C N N 238 
THR OXT  O N N 239 
THR H    H N N 240 
THR H2   H N N 241 
THR HA   H N N 242 
THR HB   H N N 243 
THR HG1  H N N 244 
THR HG21 H N N 245 
THR HG22 H N N 246 
THR HG23 H N N 247 
THR HXT  H N N 248 
TRP N    N N N 249 
TRP CA   C N S 250 
TRP C    C N N 251 
TRP O    O N N 252 
TRP CB   C N N 253 
TRP CG   C Y N 254 
TRP CD1  C Y N 255 
TRP CD2  C Y N 256 
TRP NE1  N Y N 257 
TRP CE2  C Y N 258 
TRP CE3  C Y N 259 
TRP CZ2  C Y N 260 
TRP CZ3  C Y N 261 
TRP CH2  C Y N 262 
TRP OXT  O N N 263 
TRP H    H N N 264 
TRP H2   H N N 265 
TRP HA   H N N 266 
TRP HB2  H N N 267 
TRP HB3  H N N 268 
TRP HD1  H N N 269 
TRP HE1  H N N 270 
TRP HE3  H N N 271 
TRP HZ2  H N N 272 
TRP HZ3  H N N 273 
TRP HH2  H N N 274 
TRP HXT  H N N 275 
TYR N    N N N 276 
TYR CA   C N S 277 
TYR C    C N N 278 
TYR O    O N N 279 
TYR CB   C N N 280 
TYR CG   C Y N 281 
TYR CD1  C Y N 282 
TYR CD2  C Y N 283 
TYR CE1  C Y N 284 
TYR CE2  C Y N 285 
TYR CZ   C Y N 286 
TYR OH   O N N 287 
TYR OXT  O N N 288 
TYR H    H N N 289 
TYR H2   H N N 290 
TYR HA   H N N 291 
TYR HB2  H N N 292 
TYR HB3  H N N 293 
TYR HD1  H N N 294 
TYR HD2  H N N 295 
TYR HE1  H N N 296 
TYR HE2  H N N 297 
TYR HH   H N N 298 
TYR HXT  H N N 299 
VAL N    N N N 300 
VAL CA   C N S 301 
VAL C    C N N 302 
VAL O    O N N 303 
VAL CB   C N N 304 
VAL CG1  C N N 305 
VAL CG2  C N N 306 
VAL OXT  O N N 307 
VAL H    H N N 308 
VAL H2   H N N 309 
VAL HA   H N N 310 
VAL HB   H N N 311 
VAL HG11 H N N 312 
VAL HG12 H N N 313 
VAL HG13 H N N 314 
VAL HG21 H N N 315 
VAL HG22 H N N 316 
VAL HG23 H N N 317 
VAL HXT  H N N 318 
# 
loop_
_chem_comp_bond.comp_id 
_chem_comp_bond.atom_id_1 
_chem_comp_bond.atom_id_2 
_chem_comp_bond.value_order 
_chem_comp_bond.pdbx_aromatic_flag 
_chem_comp_bond.pdbx_stereo_config 
_chem_comp_bond.pdbx_ordinal 
ALA N   CA   sing N N 1   
ALA N   H    sing N N 2   
ALA N   H2   sing N N 3   
ALA CA  C    sing N N 4   
ALA CA  CB   sing N N 5   
ALA CA  HA   sing N N 6   
ALA C   O    doub N N 7   
ALA C   OXT  sing N N 8   
ALA CB  HB1  sing N N 9   
ALA CB  HB2  sing N N 10  
ALA CB  HB3  sing N N 11  
ALA OXT HXT  sing N N 12  
ARG N   CA   sing N N 13  
ARG N   H    sing N N 14  
ARG N   H2   sing N N 15  
ARG CA  C    sing N N 16  
ARG CA  CB   sing N N 17  
ARG CA  HA   sing N N 18  
ARG C   O    doub N N 19  
ARG C   OXT  sing N N 20  
ARG CB  CG   sing N N 21  
ARG CB  HB2  sing N N 22  
ARG CB  HB3  sing N N 23  
ARG CG  CD   sing N N 24  
ARG CG  HG2  sing N N 25  
ARG CG  HG3  sing N N 26  
ARG CD  NE   sing N N 27  
ARG CD  HD2  sing N N 28  
ARG CD  HD3  sing N N 29  
ARG NE  CZ   sing N N 30  
ARG NE  HE   sing N N 31  
ARG CZ  NH1  sing N N 32  
ARG CZ  NH2  doub N N 33  
ARG NH1 HH11 sing N N 34  
ARG NH1 HH12 sing N N 35  
ARG NH2 HH21 sing N N 36  
ARG NH2 HH22 sing N N 37  
ARG OXT HXT  sing N N 38  
ASP N   CA   sing N N 39  
ASP N   H    sing N N 40  
ASP N   H2   sing N N 41  
ASP CA  C    sing N N 42  
ASP CA  CB   sing N N 43  
ASP CA  HA   sing N N 44  
ASP C   O    doub N N 45  
ASP C   OXT  sing N N 46  
ASP CB  CG   sing N N 47  
ASP CB  HB2  sing N N 48  
ASP CB  HB3  sing N N 49  
ASP CG  OD1  doub N N 50  
ASP CG  OD2  sing N N 51  
ASP OD2 HD2  sing N N 52  
ASP OXT HXT  sing N N 53  
GLN N   CA   sing N N 54  
GLN N   H    sing N N 55  
GLN N   H2   sing N N 56  
GLN CA  C    sing N N 57  
GLN CA  CB   sing N N 58  
GLN CA  HA   sing N N 59  
GLN C   O    doub N N 60  
GLN C   OXT  sing N N 61  
GLN CB  CG   sing N N 62  
GLN CB  HB2  sing N N 63  
GLN CB  HB3  sing N N 64  
GLN CG  CD   sing N N 65  
GLN CG  HG2  sing N N 66  
GLN CG  HG3  sing N N 67  
GLN CD  OE1  doub N N 68  
GLN CD  NE2  sing N N 69  
GLN NE2 HE21 sing N N 70  
GLN NE2 HE22 sing N N 71  
GLN OXT HXT  sing N N 72  
GLU N   CA   sing N N 73  
GLU N   H    sing N N 74  
GLU N   H2   sing N N 75  
GLU CA  C    sing N N 76  
GLU CA  CB   sing N N 77  
GLU CA  HA   sing N N 78  
GLU C   O    doub N N 79  
GLU C   OXT  sing N N 80  
GLU CB  CG   sing N N 81  
GLU CB  HB2  sing N N 82  
GLU CB  HB3  sing N N 83  
GLU CG  CD   sing N N 84  
GLU CG  HG2  sing N N 85  
GLU CG  HG3  sing N N 86  
GLU CD  OE1  doub N N 87  
GLU CD  OE2  sing N N 88  
GLU OE2 HE2  sing N N 89  
GLU OXT HXT  sing N N 90  
GLY N   CA   sing N N 91  
GLY N   H    sing N N 92  
GLY N   H2   sing N N 93  
GLY CA  C    sing N N 94  
GLY CA  HA2  sing N N 95  
GLY CA  HA3  sing N N 96  
GLY C   O    doub N N 97  
GLY C   OXT  sing N N 98  
GLY OXT HXT  sing N N 99  
HOH O   H1   sing N N 100 
HOH O   H2   sing N N 101 
ILE N   CA   sing N N 102 
ILE N   H    sing N N 103 
ILE N   H2   sing N N 104 
ILE CA  C    sing N N 105 
ILE CA  CB   sing N N 106 
ILE CA  HA   sing N N 107 
ILE C   O    doub N N 108 
ILE C   OXT  sing N N 109 
ILE CB  CG1  sing N N 110 
ILE CB  CG2  sing N N 111 
ILE CB  HB   sing N N 112 
ILE CG1 CD1  sing N N 113 
ILE CG1 HG12 sing N N 114 
ILE CG1 HG13 sing N N 115 
ILE CG2 HG21 sing N N 116 
ILE CG2 HG22 sing N N 117 
ILE CG2 HG23 sing N N 118 
ILE CD1 HD11 sing N N 119 
ILE CD1 HD12 sing N N 120 
ILE CD1 HD13 sing N N 121 
ILE OXT HXT  sing N N 122 
LEU N   CA   sing N N 123 
LEU N   H    sing N N 124 
LEU N   H2   sing N N 125 
LEU CA  C    sing N N 126 
LEU CA  CB   sing N N 127 
LEU CA  HA   sing N N 128 
LEU C   O    doub N N 129 
LEU C   OXT  sing N N 130 
LEU CB  CG   sing N N 131 
LEU CB  HB2  sing N N 132 
LEU CB  HB3  sing N N 133 
LEU CG  CD1  sing N N 134 
LEU CG  CD2  sing N N 135 
LEU CG  HG   sing N N 136 
LEU CD1 HD11 sing N N 137 
LEU CD1 HD12 sing N N 138 
LEU CD1 HD13 sing N N 139 
LEU CD2 HD21 sing N N 140 
LEU CD2 HD22 sing N N 141 
LEU CD2 HD23 sing N N 142 
LEU OXT HXT  sing N N 143 
LYS N   CA   sing N N 144 
LYS N   H    sing N N 145 
LYS N   H2   sing N N 146 
LYS CA  C    sing N N 147 
LYS CA  CB   sing N N 148 
LYS CA  HA   sing N N 149 
LYS C   O    doub N N 150 
LYS C   OXT  sing N N 151 
LYS CB  CG   sing N N 152 
LYS CB  HB2  sing N N 153 
LYS CB  HB3  sing N N 154 
LYS CG  CD   sing N N 155 
LYS CG  HG2  sing N N 156 
LYS CG  HG3  sing N N 157 
LYS CD  CE   sing N N 158 
LYS CD  HD2  sing N N 159 
LYS CD  HD3  sing N N 160 
LYS CE  NZ   sing N N 161 
LYS CE  HE2  sing N N 162 
LYS CE  HE3  sing N N 163 
LYS NZ  HZ1  sing N N 164 
LYS NZ  HZ2  sing N N 165 
LYS NZ  HZ3  sing N N 166 
LYS OXT HXT  sing N N 167 
PHE N   CA   sing N N 168 
PHE N   H    sing N N 169 
PHE N   H2   sing N N 170 
PHE CA  C    sing N N 171 
PHE CA  CB   sing N N 172 
PHE CA  HA   sing N N 173 
PHE C   O    doub N N 174 
PHE C   OXT  sing N N 175 
PHE CB  CG   sing N N 176 
PHE CB  HB2  sing N N 177 
PHE CB  HB3  sing N N 178 
PHE CG  CD1  doub Y N 179 
PHE CG  CD2  sing Y N 180 
PHE CD1 CE1  sing Y N 181 
PHE CD1 HD1  sing N N 182 
PHE CD2 CE2  doub Y N 183 
PHE CD2 HD2  sing N N 184 
PHE CE1 CZ   doub Y N 185 
PHE CE1 HE1  sing N N 186 
PHE CE2 CZ   sing Y N 187 
PHE CE2 HE2  sing N N 188 
PHE CZ  HZ   sing N N 189 
PHE OXT HXT  sing N N 190 
PRO N   CA   sing N N 191 
PRO N   CD   sing N N 192 
PRO N   H    sing N N 193 
PRO CA  C    sing N N 194 
PRO CA  CB   sing N N 195 
PRO CA  HA   sing N N 196 
PRO C   O    doub N N 197 
PRO C   OXT  sing N N 198 
PRO CB  CG   sing N N 199 
PRO CB  HB2  sing N N 200 
PRO CB  HB3  sing N N 201 
PRO CG  CD   sing N N 202 
PRO CG  HG2  sing N N 203 
PRO CG  HG3  sing N N 204 
PRO CD  HD2  sing N N 205 
PRO CD  HD3  sing N N 206 
PRO OXT HXT  sing N N 207 
SER N   CA   sing N N 208 
SER N   H    sing N N 209 
SER N   H2   sing N N 210 
SER CA  C    sing N N 211 
SER CA  CB   sing N N 212 
SER CA  HA   sing N N 213 
SER C   O    doub N N 214 
SER C   OXT  sing N N 215 
SER CB  OG   sing N N 216 
SER CB  HB2  sing N N 217 
SER CB  HB3  sing N N 218 
SER OG  HG   sing N N 219 
SER OXT HXT  sing N N 220 
THR N   CA   sing N N 221 
THR N   H    sing N N 222 
THR N   H2   sing N N 223 
THR CA  C    sing N N 224 
THR CA  CB   sing N N 225 
THR CA  HA   sing N N 226 
THR C   O    doub N N 227 
THR C   OXT  sing N N 228 
THR CB  OG1  sing N N 229 
THR CB  CG2  sing N N 230 
THR CB  HB   sing N N 231 
THR OG1 HG1  sing N N 232 
THR CG2 HG21 sing N N 233 
THR CG2 HG22 sing N N 234 
THR CG2 HG23 sing N N 235 
THR OXT HXT  sing N N 236 
TRP N   CA   sing N N 237 
TRP N   H    sing N N 238 
TRP N   H2   sing N N 239 
TRP CA  C    sing N N 240 
TRP CA  CB   sing N N 241 
TRP CA  HA   sing N N 242 
TRP C   O    doub N N 243 
TRP C   OXT  sing N N 244 
TRP CB  CG   sing N N 245 
TRP CB  HB2  sing N N 246 
TRP CB  HB3  sing N N 247 
TRP CG  CD1  doub Y N 248 
TRP CG  CD2  sing Y N 249 
TRP CD1 NE1  sing Y N 250 
TRP CD1 HD1  sing N N 251 
TRP CD2 CE2  doub Y N 252 
TRP CD2 CE3  sing Y N 253 
TRP NE1 CE2  sing Y N 254 
TRP NE1 HE1  sing N N 255 
TRP CE2 CZ2  sing Y N 256 
TRP CE3 CZ3  doub Y N 257 
TRP CE3 HE3  sing N N 258 
TRP CZ2 CH2  doub Y N 259 
TRP CZ2 HZ2  sing N N 260 
TRP CZ3 CH2  sing Y N 261 
TRP CZ3 HZ3  sing N N 262 
TRP CH2 HH2  sing N N 263 
TRP OXT HXT  sing N N 264 
TYR N   CA   sing N N 265 
TYR N   H    sing N N 266 
TYR N   H2   sing N N 267 
TYR CA  C    sing N N 268 
TYR CA  CB   sing N N 269 
TYR CA  HA   sing N N 270 
TYR C   O    doub N N 271 
TYR C   OXT  sing N N 272 
TYR CB  CG   sing N N 273 
TYR CB  HB2  sing N N 274 
TYR CB  HB3  sing N N 275 
TYR CG  CD1  doub Y N 276 
TYR CG  CD2  sing Y N 277 
TYR CD1 CE1  sing Y N 278 
TYR CD1 HD1  sing N N 279 
TYR CD2 CE2  doub Y N 280 
TYR CD2 HD2  sing N N 281 
TYR CE1 CZ   doub Y N 282 
TYR CE1 HE1  sing N N 283 
TYR CE2 CZ   sing Y N 284 
TYR CE2 HE2  sing N N 285 
TYR CZ  OH   sing N N 286 
TYR OH  HH   sing N N 287 
TYR OXT HXT  sing N N 288 
VAL N   CA   sing N N 289 
VAL N   H    sing N N 290 
VAL N   H2   sing N N 291 
VAL CA  C    sing N N 292 
VAL CA  CB   sing N N 293 
VAL CA  HA   sing N N 294 
VAL C   O    doub N N 295 
VAL C   OXT  sing N N 296 
VAL CB  CG1  sing N N 297 
VAL CB  CG2  sing N N 298 
VAL CB  HB   sing N N 299 
VAL CG1 HG11 sing N N 300 
VAL CG1 HG12 sing N N 301 
VAL CG1 HG13 sing N N 302 
VAL CG2 HG21 sing N N 303 
VAL CG2 HG22 sing N N 304 
VAL CG2 HG23 sing N N 305 
VAL OXT HXT  sing N N 306 
# 
_pdbx_entity_nonpoly.entity_id   2 
_pdbx_entity_nonpoly.name        water 
_pdbx_entity_nonpoly.comp_id     HOH 
# 
_pdbx_initial_refinement_model.id               1 
_pdbx_initial_refinement_model.entity_id_list   ? 
_pdbx_initial_refinement_model.type             'experimental model' 
_pdbx_initial_refinement_model.source_name      PDB 
_pdbx_initial_refinement_model.accession_code   1RFO 
_pdbx_initial_refinement_model.details          ? 
# 
